data_2ECM
#
_entry.id   2ECM
#
loop_
_entity.id
_entity.type
_entity.pdbx_description
1 polymer 'RING finger and CHY zinc finger domain-containing protein 1'
2 non-polymer 'ZINC ION'
#
_entity_poly.entity_id   1
_entity_poly.type   'polypeptide(L)'
_entity_poly.pdbx_seq_one_letter_code
;GSSGSSGCPICLEDIHTSRVVAHVLPCGHLLHRTCYEEMLKEGYRCPLCSGPSSG
;
_entity_poly.pdbx_strand_id   A
#
# COMPACT_ATOMS: atom_id res chain seq x y z
N GLY A 1 -8.72 4.60 14.31
CA GLY A 1 -8.52 5.89 13.69
C GLY A 1 -7.23 5.95 12.91
N SER A 2 -7.14 6.90 11.97
CA SER A 2 -5.95 7.06 11.14
C SER A 2 -5.81 8.50 10.68
N SER A 3 -4.82 9.20 11.23
CA SER A 3 -4.58 10.59 10.87
C SER A 3 -3.67 10.69 9.65
N GLY A 4 -2.57 9.95 9.69
CA GLY A 4 -1.63 9.96 8.57
C GLY A 4 -1.91 8.87 7.57
N SER A 5 -2.17 9.27 6.33
CA SER A 5 -2.46 8.32 5.25
C SER A 5 -1.17 7.72 4.69
N SER A 6 -0.27 7.33 5.58
CA SER A 6 1.01 6.75 5.17
C SER A 6 1.21 5.37 5.79
N GLY A 7 0.85 4.33 5.04
CA GLY A 7 0.99 2.98 5.53
C GLY A 7 0.27 1.96 4.67
N CYS A 8 0.71 0.71 4.73
CA CYS A 8 0.10 -0.36 3.94
C CYS A 8 -1.40 -0.41 4.18
N PRO A 9 -2.18 0.01 3.17
CA PRO A 9 -3.64 0.02 3.24
C PRO A 9 -4.23 -1.39 3.22
N ILE A 10 -3.36 -2.38 3.04
CA ILE A 10 -3.80 -3.78 3.00
C ILE A 10 -3.88 -4.36 4.41
N CYS A 11 -2.75 -4.36 5.11
CA CYS A 11 -2.69 -4.89 6.47
C CYS A 11 -2.88 -3.77 7.49
N LEU A 12 -2.58 -2.54 7.08
CA LEU A 12 -2.72 -1.39 7.96
C LEU A 12 -1.73 -1.47 9.12
N GLU A 13 -0.46 -1.68 8.79
CA GLU A 13 0.58 -1.78 9.81
C GLU A 13 1.83 -1.00 9.39
N ASP A 14 2.22 -0.04 10.21
CA ASP A 14 3.40 0.78 9.92
C ASP A 14 4.50 -0.07 9.29
N ILE A 15 4.82 0.25 8.03
CA ILE A 15 5.86 -0.48 7.31
C ILE A 15 7.24 -0.14 7.84
N HIS A 16 8.13 -1.15 7.86
CA HIS A 16 9.49 -0.96 8.35
C HIS A 16 10.50 -1.48 7.34
N THR A 17 10.98 -0.60 6.47
CA THR A 17 11.95 -0.98 5.45
C THR A 17 13.03 -1.89 6.03
N SER A 18 13.59 -1.48 7.16
CA SER A 18 14.64 -2.26 7.81
C SER A 18 14.15 -3.68 8.13
N ARG A 19 12.94 -3.76 8.67
CA ARG A 19 12.36 -5.06 9.02
C ARG A 19 12.13 -5.90 7.77
N VAL A 20 11.41 -5.34 6.80
CA VAL A 20 11.12 -6.04 5.56
C VAL A 20 11.15 -5.08 4.37
N VAL A 21 11.30 -5.64 3.17
CA VAL A 21 11.33 -4.84 1.95
C VAL A 21 9.99 -4.14 1.71
N ALA A 22 10.06 -2.93 1.16
CA ALA A 22 8.85 -2.16 0.87
C ALA A 22 8.73 -1.86 -0.61
N HIS A 23 7.59 -2.20 -1.19
CA HIS A 23 7.35 -1.97 -2.62
C HIS A 23 6.83 -0.55 -2.85
N VAL A 24 7.67 0.28 -3.47
CA VAL A 24 7.30 1.66 -3.76
C VAL A 24 6.38 1.75 -4.96
N LEU A 25 5.10 1.93 -4.71
CA LEU A 25 4.10 2.03 -5.78
C LEU A 25 4.42 3.20 -6.71
N PRO A 26 3.98 3.09 -7.97
CA PRO A 26 4.20 4.12 -8.98
C PRO A 26 3.40 5.39 -8.70
N CYS A 27 2.66 5.39 -7.59
CA CYS A 27 1.86 6.54 -7.20
C CYS A 27 2.51 7.31 -6.07
N GLY A 28 3.28 6.61 -5.25
CA GLY A 28 3.97 7.25 -4.14
C GLY A 28 3.57 6.65 -2.80
N HIS A 29 3.46 5.33 -2.76
CA HIS A 29 3.09 4.63 -1.53
C HIS A 29 3.98 3.41 -1.31
N LEU A 30 3.99 2.91 -0.08
CA LEU A 30 4.80 1.74 0.27
C LEU A 30 3.92 0.55 0.62
N LEU A 31 4.36 -0.65 0.26
CA LEU A 31 3.62 -1.86 0.55
C LEU A 31 4.55 -2.97 1.04
N HIS A 32 3.98 -4.15 1.29
CA HIS A 32 4.76 -5.29 1.76
C HIS A 32 4.88 -6.35 0.66
N ARG A 33 6.11 -6.73 0.34
CA ARG A 33 6.35 -7.73 -0.69
C ARG A 33 5.26 -8.79 -0.69
N THR A 34 4.77 -9.13 0.49
CA THR A 34 3.71 -10.13 0.64
C THR A 34 2.36 -9.56 0.25
N CYS A 35 1.98 -8.46 0.89
CA CYS A 35 0.70 -7.81 0.61
C CYS A 35 0.56 -7.50 -0.87
N TYR A 36 1.61 -6.92 -1.45
CA TYR A 36 1.59 -6.57 -2.87
C TYR A 36 1.22 -7.78 -3.72
N GLU A 37 1.46 -8.97 -3.18
CA GLU A 37 1.15 -10.20 -3.90
C GLU A 37 -0.29 -10.63 -3.64
N GLU A 38 -0.85 -10.16 -2.54
CA GLU A 38 -2.22 -10.51 -2.17
C GLU A 38 -3.22 -9.64 -2.93
N MET A 39 -3.03 -8.32 -2.85
CA MET A 39 -3.91 -7.38 -3.53
C MET A 39 -3.98 -7.68 -5.02
N LEU A 40 -2.84 -8.06 -5.59
CA LEU A 40 -2.77 -8.37 -7.02
C LEU A 40 -3.76 -9.48 -7.38
N LYS A 41 -3.82 -10.52 -6.54
CA LYS A 41 -4.73 -11.64 -6.77
C LYS A 41 -6.18 -11.18 -6.66
N GLU A 42 -6.54 -10.60 -5.52
CA GLU A 42 -7.89 -10.13 -5.29
C GLU A 42 -8.43 -9.38 -6.51
N GLY A 43 -7.77 -8.28 -6.86
CA GLY A 43 -8.19 -7.49 -8.00
C GLY A 43 -8.43 -6.04 -7.65
N TYR A 44 -7.64 -5.52 -6.73
CA TYR A 44 -7.78 -4.13 -6.29
C TYR A 44 -6.42 -3.43 -6.24
N ARG A 45 -6.35 -2.25 -6.85
CA ARG A 45 -5.11 -1.49 -6.87
C ARG A 45 -5.05 -0.51 -5.70
N CYS A 46 -3.95 0.22 -5.60
CA CYS A 46 -3.77 1.19 -4.53
C CYS A 46 -5.09 1.83 -4.15
N PRO A 47 -5.73 1.29 -3.10
CA PRO A 47 -7.02 1.79 -2.61
C PRO A 47 -6.90 3.16 -1.95
N LEU A 48 -5.68 3.70 -1.95
CA LEU A 48 -5.44 5.01 -1.36
C LEU A 48 -5.57 6.12 -2.40
N CYS A 49 -5.06 5.86 -3.59
CA CYS A 49 -5.12 6.84 -4.68
C CYS A 49 -6.47 6.78 -5.39
N SER A 50 -7.47 7.44 -4.82
CA SER A 50 -8.81 7.46 -5.39
C SER A 50 -8.75 7.47 -6.91
N GLY A 51 -9.63 6.69 -7.54
CA GLY A 51 -9.65 6.63 -8.98
C GLY A 51 -11.06 6.77 -9.54
N PRO A 52 -11.28 6.22 -10.75
CA PRO A 52 -12.58 6.28 -11.42
C PRO A 52 -13.63 5.42 -10.72
N SER A 53 -14.81 5.32 -11.33
CA SER A 53 -15.89 4.52 -10.76
C SER A 53 -15.36 3.26 -10.09
N SER A 54 -14.72 2.40 -10.90
CA SER A 54 -14.17 1.16 -10.39
C SER A 54 -13.14 1.42 -9.30
N GLY A 55 -12.86 0.40 -8.48
CA GLY A 55 -11.90 0.55 -7.41
C GLY A 55 -12.53 1.10 -6.14
N GLY A 1 -9.09 13.71 18.10
CA GLY A 1 -8.26 12.60 18.48
C GLY A 1 -7.23 12.24 17.42
N SER A 2 -6.74 11.01 17.46
CA SER A 2 -5.76 10.54 16.49
C SER A 2 -6.12 10.99 15.09
N SER A 3 -5.21 11.71 14.43
CA SER A 3 -5.43 12.20 13.09
C SER A 3 -5.04 11.14 12.05
N GLY A 4 -5.40 9.89 12.32
CA GLY A 4 -5.08 8.81 11.41
C GLY A 4 -3.86 8.04 11.84
N SER A 5 -3.23 7.35 10.89
CA SER A 5 -2.05 6.55 11.18
C SER A 5 -1.32 6.17 9.89
N SER A 6 -0.17 6.80 9.66
CA SER A 6 0.62 6.52 8.47
C SER A 6 1.19 5.11 8.50
N GLY A 7 1.10 4.41 7.38
CA GLY A 7 1.62 3.05 7.30
C GLY A 7 0.92 2.22 6.25
N CYS A 8 1.32 0.96 6.13
CA CYS A 8 0.72 0.06 5.15
C CYS A 8 -0.80 0.04 5.28
N PRO A 9 -1.49 0.49 4.22
CA PRO A 9 -2.95 0.54 4.19
C PRO A 9 -3.58 -0.85 4.13
N ILE A 10 -2.74 -1.88 4.21
CA ILE A 10 -3.21 -3.25 4.16
C ILE A 10 -3.19 -3.88 5.56
N CYS A 11 -1.99 -4.02 6.12
CA CYS A 11 -1.83 -4.61 7.44
C CYS A 11 -1.89 -3.54 8.53
N LEU A 12 -1.69 -2.29 8.12
CA LEU A 12 -1.73 -1.16 9.04
C LEU A 12 -0.64 -1.31 10.12
N GLU A 13 0.58 -1.60 9.67
CA GLU A 13 1.70 -1.76 10.59
C GLU A 13 2.91 -0.97 10.11
N ASP A 14 3.62 -0.36 11.05
CA ASP A 14 4.81 0.43 10.72
C ASP A 14 5.67 -0.29 9.68
N ILE A 15 5.93 0.40 8.57
CA ILE A 15 6.73 -0.15 7.50
C ILE A 15 8.21 0.13 7.71
N HIS A 16 8.92 -0.84 8.30
CA HIS A 16 10.33 -0.70 8.56
C HIS A 16 11.16 -1.22 7.39
N THR A 17 12.08 -0.39 6.89
CA THR A 17 12.92 -0.77 5.77
C THR A 17 14.14 -1.55 6.24
N SER A 18 13.93 -2.43 7.22
CA SER A 18 15.01 -3.24 7.76
C SER A 18 14.59 -4.70 7.90
N ARG A 19 13.36 -4.91 8.36
CA ARG A 19 12.83 -6.25 8.54
C ARG A 19 11.98 -6.66 7.34
N VAL A 20 11.12 -5.76 6.89
CA VAL A 20 10.24 -6.02 5.76
C VAL A 20 10.61 -5.15 4.56
N VAL A 21 10.53 -5.74 3.37
CA VAL A 21 10.85 -5.02 2.15
C VAL A 21 9.77 -4.00 1.80
N ALA A 22 10.20 -2.83 1.34
CA ALA A 22 9.27 -1.76 0.97
C ALA A 22 8.97 -1.80 -0.52
N HIS A 23 7.69 -1.80 -0.86
CA HIS A 23 7.27 -1.83 -2.27
C HIS A 23 6.51 -0.56 -2.62
N VAL A 24 7.26 0.51 -2.91
CA VAL A 24 6.66 1.79 -3.28
C VAL A 24 5.93 1.70 -4.61
N LEU A 25 4.61 1.58 -4.54
CA LEU A 25 3.79 1.48 -5.75
C LEU A 25 4.11 2.61 -6.72
N PRO A 26 3.76 2.40 -8.00
CA PRO A 26 4.01 3.38 -9.06
C PRO A 26 3.12 4.63 -8.91
N CYS A 27 2.22 4.59 -7.95
CA CYS A 27 1.32 5.71 -7.70
C CYS A 27 1.93 6.68 -6.68
N GLY A 28 2.63 6.14 -5.69
CA GLY A 28 3.26 6.96 -4.68
C GLY A 28 2.87 6.54 -3.28
N HIS A 29 2.87 5.24 -3.04
CA HIS A 29 2.51 4.69 -1.72
C HIS A 29 3.43 3.53 -1.35
N LEU A 30 3.68 3.38 -0.05
CA LEU A 30 4.54 2.31 0.43
C LEU A 30 3.72 1.11 0.90
N LEU A 31 4.10 -0.08 0.44
CA LEU A 31 3.40 -1.30 0.80
C LEU A 31 4.39 -2.43 1.08
N HIS A 32 3.86 -3.58 1.48
CA HIS A 32 4.69 -4.74 1.78
C HIS A 32 4.63 -5.76 0.65
N ARG A 33 5.71 -6.52 0.49
CA ARG A 33 5.79 -7.54 -0.56
C ARG A 33 4.59 -8.49 -0.49
N THR A 34 4.26 -8.92 0.72
CA THR A 34 3.13 -9.83 0.92
C THR A 34 1.80 -9.13 0.67
N CYS A 35 1.56 -8.04 1.40
CA CYS A 35 0.33 -7.28 1.25
C CYS A 35 0.07 -6.94 -0.21
N TYR A 36 1.11 -6.50 -0.91
CA TYR A 36 0.99 -6.14 -2.31
C TYR A 36 0.66 -7.36 -3.16
N GLU A 37 1.35 -8.47 -2.90
CA GLU A 37 1.12 -9.71 -3.63
C GLU A 37 -0.35 -10.11 -3.58
N GLU A 38 -0.99 -9.84 -2.45
CA GLU A 38 -2.40 -10.18 -2.27
C GLU A 38 -3.28 -9.28 -3.12
N MET A 39 -3.28 -7.99 -2.82
CA MET A 39 -4.08 -7.03 -3.57
C MET A 39 -3.86 -7.17 -5.07
N LEU A 40 -2.63 -7.55 -5.44
CA LEU A 40 -2.28 -7.71 -6.84
C LEU A 40 -3.22 -8.70 -7.53
N LYS A 41 -3.26 -9.93 -7.01
CA LYS A 41 -4.12 -10.97 -7.55
C LYS A 41 -5.59 -10.66 -7.27
N GLU A 42 -5.86 -10.14 -6.10
CA GLU A 42 -7.23 -9.79 -5.70
C GLU A 42 -7.98 -9.15 -6.86
N GLY A 43 -7.59 -7.92 -7.20
CA GLY A 43 -8.23 -7.21 -8.28
C GLY A 43 -7.93 -5.72 -8.26
N TYR A 44 -7.82 -5.16 -7.06
CA TYR A 44 -7.53 -3.74 -6.91
C TYR A 44 -6.02 -3.48 -6.90
N ARG A 45 -5.59 -2.49 -7.66
CA ARG A 45 -4.17 -2.14 -7.74
C ARG A 45 -3.73 -1.36 -6.51
N CYS A 46 -4.62 -0.51 -6.00
CA CYS A 46 -4.33 0.30 -4.82
C CYS A 46 -5.61 0.76 -4.14
N PRO A 47 -5.73 0.47 -2.84
CA PRO A 47 -6.90 0.85 -2.04
C PRO A 47 -6.99 2.35 -1.82
N LEU A 48 -5.86 3.04 -2.00
CA LEU A 48 -5.80 4.48 -1.82
C LEU A 48 -6.20 5.22 -3.09
N CYS A 49 -5.45 5.00 -4.16
CA CYS A 49 -5.72 5.64 -5.44
C CYS A 49 -6.97 5.05 -6.07
N SER A 50 -8.14 5.54 -5.63
CA SER A 50 -9.41 5.06 -6.15
C SER A 50 -10.09 6.12 -7.01
N GLY A 51 -9.99 5.95 -8.32
CA GLY A 51 -10.59 6.91 -9.24
C GLY A 51 -10.16 6.69 -10.67
N PRO A 52 -10.49 7.65 -11.55
CA PRO A 52 -10.14 7.58 -12.97
C PRO A 52 -8.64 7.73 -13.21
N SER A 53 -7.90 8.00 -12.14
CA SER A 53 -6.45 8.18 -12.24
C SER A 53 -5.82 7.04 -13.05
N SER A 54 -4.92 7.40 -13.95
CA SER A 54 -4.24 6.42 -14.79
C SER A 54 -3.56 5.36 -13.94
N GLY A 55 -3.71 4.10 -14.35
CA GLY A 55 -3.09 3.01 -13.61
C GLY A 55 -2.25 2.12 -14.50
N GLY A 1 -5.77 14.59 14.29
CA GLY A 1 -4.39 14.77 14.71
C GLY A 1 -3.41 14.28 13.66
N SER A 2 -3.14 12.97 13.67
CA SER A 2 -2.21 12.38 12.72
C SER A 2 -2.52 12.82 11.30
N SER A 3 -1.50 13.28 10.59
CA SER A 3 -1.66 13.74 9.21
C SER A 3 -0.88 12.86 8.24
N GLY A 4 0.38 12.59 8.58
CA GLY A 4 1.21 11.76 7.74
C GLY A 4 0.64 10.37 7.54
N SER A 5 0.06 10.13 6.37
CA SER A 5 -0.53 8.83 6.07
C SER A 5 0.29 8.09 5.01
N SER A 6 1.36 7.45 5.45
CA SER A 6 2.23 6.71 4.55
C SER A 6 2.47 5.30 5.05
N GLY A 7 1.51 4.42 4.81
CA GLY A 7 1.64 3.04 5.25
C GLY A 7 0.92 2.06 4.34
N CYS A 8 0.79 0.82 4.79
CA CYS A 8 0.12 -0.21 4.01
C CYS A 8 -1.37 -0.24 4.31
N PRO A 9 -2.19 0.17 3.34
CA PRO A 9 -3.65 0.20 3.48
C PRO A 9 -4.25 -1.20 3.53
N ILE A 10 -3.48 -2.19 3.12
CA ILE A 10 -3.93 -3.58 3.12
C ILE A 10 -3.97 -4.14 4.54
N CYS A 11 -2.81 -4.14 5.20
CA CYS A 11 -2.71 -4.66 6.56
C CYS A 11 -2.89 -3.53 7.58
N LEU A 12 -2.66 -2.30 7.14
CA LEU A 12 -2.80 -1.14 8.01
C LEU A 12 -1.82 -1.21 9.18
N GLU A 13 -0.55 -1.42 8.87
CA GLU A 13 0.49 -1.51 9.90
C GLU A 13 1.78 -0.87 9.42
N ASP A 14 2.31 0.04 10.23
CA ASP A 14 3.55 0.73 9.89
C ASP A 14 4.50 -0.19 9.14
N ILE A 15 5.10 0.34 8.07
CA ILE A 15 6.03 -0.43 7.26
C ILE A 15 7.47 -0.16 7.67
N HIS A 16 8.27 -1.22 7.74
CA HIS A 16 9.68 -1.09 8.11
C HIS A 16 10.59 -1.16 6.88
N THR A 17 11.85 -0.79 7.06
CA THR A 17 12.81 -0.81 5.96
C THR A 17 13.88 -1.87 6.19
N SER A 18 14.46 -1.88 7.38
CA SER A 18 15.50 -2.84 7.73
C SER A 18 14.90 -4.19 8.04
N ARG A 19 13.83 -4.20 8.84
CA ARG A 19 13.16 -5.44 9.21
C ARG A 19 12.59 -6.15 8.00
N VAL A 20 11.74 -5.44 7.26
CA VAL A 20 11.13 -6.00 6.05
C VAL A 20 11.40 -5.13 4.84
N VAL A 21 11.04 -5.64 3.66
CA VAL A 21 11.25 -4.91 2.42
C VAL A 21 10.14 -3.88 2.19
N ALA A 22 10.34 -3.02 1.21
CA ALA A 22 9.36 -1.98 0.89
C ALA A 22 9.06 -1.96 -0.60
N HIS A 23 7.78 -2.19 -0.95
CA HIS A 23 7.36 -2.20 -2.34
C HIS A 23 6.61 -0.91 -2.69
N VAL A 24 7.36 0.14 -3.00
CA VAL A 24 6.76 1.42 -3.35
C VAL A 24 6.02 1.35 -4.68
N LEU A 25 4.98 2.15 -4.82
CA LEU A 25 4.19 2.17 -6.05
C LEU A 25 4.50 3.42 -6.88
N PRO A 26 4.24 3.34 -8.18
CA PRO A 26 4.47 4.46 -9.10
C PRO A 26 3.51 5.62 -8.89
N CYS A 27 2.65 5.48 -7.88
CA CYS A 27 1.67 6.51 -7.57
C CYS A 27 2.14 7.35 -6.39
N GLY A 28 2.77 6.71 -5.41
CA GLY A 28 3.25 7.42 -4.24
C GLY A 28 2.83 6.78 -2.94
N HIS A 29 2.98 5.46 -2.87
CA HIS A 29 2.60 4.71 -1.66
C HIS A 29 3.49 3.49 -1.49
N LEU A 30 3.72 3.12 -0.23
CA LEU A 30 4.56 1.96 0.08
C LEU A 30 3.70 0.75 0.47
N LEU A 31 4.19 -0.43 0.14
CA LEU A 31 3.48 -1.67 0.44
C LEU A 31 4.44 -2.76 0.90
N HIS A 32 3.89 -3.92 1.25
CA HIS A 32 4.70 -5.05 1.69
C HIS A 32 4.90 -6.05 0.57
N ARG A 33 5.72 -7.07 0.83
CA ARG A 33 5.99 -8.10 -0.17
C ARG A 33 4.88 -9.13 -0.21
N THR A 34 4.26 -9.37 0.95
CA THR A 34 3.18 -10.35 1.05
C THR A 34 1.84 -9.70 0.70
N CYS A 35 1.73 -8.40 0.92
CA CYS A 35 0.50 -7.67 0.63
C CYS A 35 0.40 -7.35 -0.86
N TYR A 36 1.50 -6.84 -1.42
CA TYR A 36 1.53 -6.49 -2.83
C TYR A 36 1.15 -7.68 -3.71
N GLU A 37 1.36 -8.88 -3.18
CA GLU A 37 1.05 -10.10 -3.91
C GLU A 37 -0.44 -10.42 -3.81
N GLU A 38 -1.01 -10.19 -2.63
CA GLU A 38 -2.44 -10.46 -2.41
C GLU A 38 -3.30 -9.50 -3.22
N MET A 39 -3.06 -8.20 -3.05
CA MET A 39 -3.82 -7.18 -3.76
C MET A 39 -3.82 -7.46 -5.26
N LEU A 40 -2.71 -7.98 -5.77
CA LEU A 40 -2.58 -8.30 -7.19
C LEU A 40 -3.55 -9.40 -7.59
N LYS A 41 -3.68 -10.40 -6.72
CA LYS A 41 -4.56 -11.53 -6.98
C LYS A 41 -6.03 -11.12 -6.82
N GLU A 42 -6.37 -10.63 -5.63
CA GLU A 42 -7.73 -10.18 -5.35
C GLU A 42 -8.33 -9.44 -6.55
N GLY A 43 -7.64 -8.39 -6.97
CA GLY A 43 -8.11 -7.60 -8.10
C GLY A 43 -8.41 -6.16 -7.72
N TYR A 44 -7.61 -5.61 -6.82
CA TYR A 44 -7.80 -4.24 -6.36
C TYR A 44 -6.48 -3.49 -6.34
N ARG A 45 -6.46 -2.32 -6.97
CA ARG A 45 -5.26 -1.48 -7.02
C ARG A 45 -5.20 -0.54 -5.83
N CYS A 46 -4.14 0.26 -5.77
CA CYS A 46 -3.95 1.21 -4.68
C CYS A 46 -5.29 1.77 -4.21
N PRO A 47 -5.79 1.23 -3.09
CA PRO A 47 -7.07 1.67 -2.50
C PRO A 47 -6.99 3.07 -1.93
N LEU A 48 -5.84 3.71 -2.07
CA LEU A 48 -5.63 5.06 -1.55
C LEU A 48 -5.75 6.08 -2.67
N CYS A 49 -5.26 5.73 -3.86
CA CYS A 49 -5.31 6.61 -5.00
C CYS A 49 -6.58 6.38 -5.82
N SER A 50 -7.67 7.02 -5.42
CA SER A 50 -8.94 6.87 -6.12
C SER A 50 -9.43 8.21 -6.64
N GLY A 51 -9.76 8.25 -7.94
CA GLY A 51 -10.24 9.49 -8.54
C GLY A 51 -9.44 9.87 -9.77
N PRO A 52 -9.46 11.17 -10.11
CA PRO A 52 -8.74 11.69 -11.26
C PRO A 52 -7.22 11.66 -11.08
N SER A 53 -6.77 11.98 -9.88
CA SER A 53 -5.34 11.99 -9.57
C SER A 53 -4.64 10.82 -10.26
N SER A 54 -5.07 9.61 -9.96
CA SER A 54 -4.48 8.42 -10.56
C SER A 54 -4.76 8.35 -12.05
N GLY A 55 -6.00 8.65 -12.43
CA GLY A 55 -6.38 8.63 -13.83
C GLY A 55 -6.99 9.93 -14.29
N GLY A 1 0.58 18.30 15.14
CA GLY A 1 0.49 16.86 14.94
C GLY A 1 0.44 16.49 13.47
N SER A 2 1.59 16.26 12.88
CA SER A 2 1.68 15.90 11.47
C SER A 2 1.48 14.40 11.28
N SER A 3 2.27 13.61 12.00
CA SER A 3 2.18 12.16 11.92
C SER A 3 0.86 11.66 12.45
N GLY A 4 0.01 11.15 11.56
CA GLY A 4 -1.29 10.65 11.96
C GLY A 4 -1.34 9.13 11.96
N SER A 5 -2.23 8.58 11.15
CA SER A 5 -2.39 7.13 11.06
C SER A 5 -1.91 6.62 9.71
N SER A 6 -0.76 7.13 9.26
CA SER A 6 -0.20 6.72 7.98
C SER A 6 0.40 5.32 8.07
N GLY A 7 0.65 4.72 6.92
CA GLY A 7 1.21 3.38 6.88
C GLY A 7 0.57 2.51 5.81
N CYS A 8 1.05 1.27 5.70
CA CYS A 8 0.52 0.35 4.71
C CYS A 8 -1.01 0.31 4.73
N PRO A 9 -1.62 0.74 3.62
CA PRO A 9 -3.08 0.77 3.50
C PRO A 9 -3.69 -0.63 3.41
N ILE A 10 -2.84 -1.64 3.54
CA ILE A 10 -3.29 -3.02 3.48
C ILE A 10 -3.43 -3.62 4.88
N CYS A 11 -2.34 -3.57 5.64
CA CYS A 11 -2.33 -4.11 7.00
C CYS A 11 -2.43 -2.97 8.02
N LEU A 12 -2.23 -1.75 7.56
CA LEU A 12 -2.29 -0.58 8.44
C LEU A 12 -1.33 -0.73 9.61
N GLU A 13 -0.07 -1.01 9.32
CA GLU A 13 0.94 -1.18 10.35
C GLU A 13 2.25 -0.51 9.94
N ASP A 14 2.88 0.19 10.88
CA ASP A 14 4.14 0.87 10.61
C ASP A 14 5.04 0.03 9.72
N ILE A 15 5.47 0.62 8.61
CA ILE A 15 6.34 -0.08 7.67
C ILE A 15 7.81 0.05 8.06
N HIS A 16 8.51 -1.07 8.11
CA HIS A 16 9.92 -1.07 8.48
C HIS A 16 10.78 -1.52 7.29
N THR A 17 11.67 -0.63 6.84
CA THR A 17 12.55 -0.93 5.73
C THR A 17 13.79 -1.71 6.18
N SER A 18 13.62 -2.50 7.24
CA SER A 18 14.72 -3.29 7.78
C SER A 18 14.36 -4.77 7.83
N ARG A 19 13.11 -5.05 8.22
CA ARG A 19 12.63 -6.43 8.31
C ARG A 19 12.20 -6.94 6.95
N VAL A 20 11.24 -6.24 6.33
CA VAL A 20 10.73 -6.62 5.03
C VAL A 20 11.10 -5.60 3.97
N VAL A 21 10.82 -5.92 2.71
CA VAL A 21 11.13 -5.03 1.60
C VAL A 21 9.99 -4.04 1.36
N ALA A 22 10.32 -2.75 1.34
CA ALA A 22 9.33 -1.70 1.13
C ALA A 22 9.04 -1.54 -0.35
N HIS A 23 7.89 -2.05 -0.78
CA HIS A 23 7.48 -1.96 -2.18
C HIS A 23 6.75 -0.64 -2.45
N VAL A 24 7.44 0.29 -3.11
CA VAL A 24 6.86 1.58 -3.43
C VAL A 24 6.14 1.55 -4.76
N LEU A 25 4.89 1.99 -4.76
CA LEU A 25 4.08 2.01 -5.98
C LEU A 25 4.40 3.23 -6.83
N PRO A 26 4.15 3.12 -8.14
CA PRO A 26 4.42 4.21 -9.09
C PRO A 26 3.45 5.37 -8.91
N CYS A 27 2.57 5.26 -7.91
CA CYS A 27 1.58 6.30 -7.64
C CYS A 27 2.09 7.24 -6.55
N GLY A 28 2.75 6.68 -5.54
CA GLY A 28 3.28 7.48 -4.45
C GLY A 28 2.86 6.95 -3.09
N HIS A 29 3.03 5.65 -2.89
CA HIS A 29 2.67 5.02 -1.62
C HIS A 29 3.59 3.84 -1.33
N LEU A 30 3.69 3.47 -0.05
CA LEU A 30 4.53 2.36 0.35
C LEU A 30 3.68 1.14 0.72
N LEU A 31 4.16 -0.03 0.33
CA LEU A 31 3.45 -1.28 0.61
C LEU A 31 4.42 -2.38 1.01
N HIS A 32 3.88 -3.53 1.41
CA HIS A 32 4.70 -4.66 1.81
C HIS A 32 4.75 -5.71 0.70
N ARG A 33 5.63 -6.70 0.87
CA ARG A 33 5.78 -7.77 -0.11
C ARG A 33 4.61 -8.74 -0.03
N THR A 34 4.21 -9.08 1.20
CA THR A 34 3.11 -10.01 1.41
C THR A 34 1.76 -9.33 1.16
N CYS A 35 1.73 -8.02 1.28
CA CYS A 35 0.51 -7.26 1.06
C CYS A 35 0.33 -6.92 -0.42
N TYR A 36 1.43 -6.59 -1.08
CA TYR A 36 1.39 -6.26 -2.50
C TYR A 36 1.13 -7.49 -3.35
N GLU A 37 1.53 -8.66 -2.82
CA GLU A 37 1.33 -9.92 -3.54
C GLU A 37 -0.12 -10.36 -3.46
N GLU A 38 -0.80 -9.98 -2.39
CA GLU A 38 -2.21 -10.35 -2.21
C GLU A 38 -3.10 -9.52 -3.13
N MET A 39 -3.09 -8.21 -2.94
CA MET A 39 -3.91 -7.32 -3.75
C MET A 39 -3.75 -7.64 -5.23
N LEU A 40 -2.59 -8.15 -5.61
CA LEU A 40 -2.33 -8.50 -7.00
C LEU A 40 -3.25 -9.61 -7.47
N LYS A 41 -3.43 -10.62 -6.62
CA LYS A 41 -4.29 -11.75 -6.94
C LYS A 41 -5.76 -11.35 -6.84
N GLU A 42 -6.15 -10.76 -5.71
CA GLU A 42 -7.52 -10.34 -5.50
C GLU A 42 -8.08 -9.67 -6.75
N GLY A 43 -7.50 -8.53 -7.12
CA GLY A 43 -7.95 -7.82 -8.30
C GLY A 43 -8.34 -6.39 -7.98
N TYR A 44 -7.49 -5.69 -7.23
CA TYR A 44 -7.75 -4.31 -6.85
C TYR A 44 -6.45 -3.52 -6.76
N ARG A 45 -6.45 -2.32 -7.34
CA ARG A 45 -5.27 -1.47 -7.31
C ARG A 45 -5.22 -0.64 -6.03
N CYS A 46 -4.15 0.13 -5.87
CA CYS A 46 -3.98 0.97 -4.68
C CYS A 46 -5.33 1.51 -4.20
N PRO A 47 -5.74 1.07 -3.01
CA PRO A 47 -7.01 1.50 -2.41
C PRO A 47 -6.99 2.98 -1.98
N LEU A 48 -5.83 3.61 -2.12
CA LEU A 48 -5.67 5.01 -1.75
C LEU A 48 -5.87 5.92 -2.96
N CYS A 49 -5.26 5.54 -4.08
CA CYS A 49 -5.37 6.32 -5.31
C CYS A 49 -6.59 5.88 -6.13
N SER A 50 -7.72 5.69 -5.45
CA SER A 50 -8.94 5.26 -6.11
C SER A 50 -9.47 6.35 -7.04
N GLY A 51 -9.56 7.57 -6.51
CA GLY A 51 -10.05 8.68 -7.30
C GLY A 51 -9.15 8.99 -8.48
N PRO A 52 -9.71 9.65 -9.51
CA PRO A 52 -8.97 10.02 -10.71
C PRO A 52 -7.94 11.12 -10.45
N SER A 53 -6.75 10.71 -10.02
CA SER A 53 -5.68 11.66 -9.73
C SER A 53 -5.41 12.56 -10.92
N SER A 54 -4.86 13.74 -10.66
CA SER A 54 -4.56 14.70 -11.72
C SER A 54 -3.48 14.15 -12.65
N GLY A 55 -3.80 14.09 -13.94
CA GLY A 55 -2.85 13.59 -14.91
C GLY A 55 -3.52 12.92 -16.09
N GLY A 1 -8.02 15.92 8.17
CA GLY A 1 -7.02 15.36 7.28
C GLY A 1 -6.33 14.15 7.86
N SER A 2 -5.16 13.82 7.33
CA SER A 2 -4.40 12.67 7.80
C SER A 2 -2.95 12.75 7.33
N SER A 3 -2.05 13.05 8.26
CA SER A 3 -0.64 13.16 7.95
C SER A 3 0.22 12.93 9.19
N GLY A 4 1.41 12.37 8.99
CA GLY A 4 2.30 12.11 10.11
C GLY A 4 2.45 10.63 10.39
N SER A 5 1.35 9.97 10.72
CA SER A 5 1.36 8.55 11.02
C SER A 5 0.56 7.76 9.98
N SER A 6 1.25 7.25 8.97
CA SER A 6 0.59 6.48 7.91
C SER A 6 1.41 5.24 7.57
N GLY A 7 0.81 4.07 7.81
CA GLY A 7 1.49 2.82 7.53
C GLY A 7 0.90 2.10 6.32
N CYS A 8 1.02 0.79 6.31
CA CYS A 8 0.50 -0.02 5.20
C CYS A 8 -1.03 0.00 5.19
N PRO A 9 -1.62 0.51 4.09
CA PRO A 9 -3.06 0.60 3.93
C PRO A 9 -3.70 -0.78 3.75
N ILE A 10 -2.89 -1.82 3.84
CA ILE A 10 -3.38 -3.19 3.69
C ILE A 10 -3.52 -3.87 5.04
N CYS A 11 -2.40 -4.02 5.74
CA CYS A 11 -2.39 -4.66 7.05
C CYS A 11 -2.53 -3.63 8.16
N LEU A 12 -2.23 -2.38 7.83
CA LEU A 12 -2.32 -1.30 8.81
C LEU A 12 -1.27 -1.43 9.90
N GLU A 13 -0.02 -1.65 9.48
CA GLU A 13 1.08 -1.81 10.41
C GLU A 13 2.24 -0.88 10.06
N ASP A 14 3.22 -0.79 10.95
CA ASP A 14 4.39 0.05 10.72
C ASP A 14 5.27 -0.51 9.63
N ILE A 15 5.60 0.31 8.64
CA ILE A 15 6.45 -0.11 7.53
C ILE A 15 7.91 0.25 7.79
N HIS A 16 8.75 -0.77 7.87
CA HIS A 16 10.18 -0.57 8.11
C HIS A 16 11.00 -0.94 6.88
N THR A 17 12.23 -0.43 6.81
CA THR A 17 13.11 -0.71 5.68
C THR A 17 13.97 -1.93 5.96
N SER A 18 14.24 -2.20 7.23
CA SER A 18 15.06 -3.34 7.62
C SER A 18 14.20 -4.58 7.86
N ARG A 19 13.45 -4.57 8.95
CA ARG A 19 12.59 -5.69 9.30
C ARG A 19 11.92 -6.26 8.05
N VAL A 20 11.13 -5.42 7.37
CA VAL A 20 10.44 -5.83 6.16
C VAL A 20 10.79 -4.93 4.98
N VAL A 21 10.39 -5.35 3.79
CA VAL A 21 10.66 -4.58 2.58
C VAL A 21 9.55 -3.57 2.31
N ALA A 22 9.88 -2.50 1.59
CA ALA A 22 8.92 -1.46 1.25
C ALA A 22 8.80 -1.29 -0.26
N HIS A 23 7.79 -1.92 -0.85
CA HIS A 23 7.56 -1.83 -2.28
C HIS A 23 6.93 -0.49 -2.65
N VAL A 24 7.75 0.44 -3.13
CA VAL A 24 7.28 1.76 -3.52
C VAL A 24 6.43 1.69 -4.79
N LEU A 25 5.12 1.80 -4.62
CA LEU A 25 4.20 1.74 -5.74
C LEU A 25 4.51 2.84 -6.76
N PRO A 26 4.15 2.59 -8.03
CA PRO A 26 4.39 3.55 -9.12
C PRO A 26 3.50 4.79 -9.01
N CYS A 27 2.70 4.84 -7.94
CA CYS A 27 1.80 5.97 -7.72
C CYS A 27 2.36 6.89 -6.64
N GLY A 28 3.21 6.35 -5.78
CA GLY A 28 3.79 7.14 -4.71
C GLY A 28 3.35 6.69 -3.34
N HIS A 29 3.35 5.38 -3.12
CA HIS A 29 2.93 4.81 -1.84
C HIS A 29 3.84 3.65 -1.45
N LEU A 30 3.76 3.24 -0.19
CA LEU A 30 4.56 2.14 0.32
C LEU A 30 3.69 0.93 0.64
N LEU A 31 4.10 -0.24 0.16
CA LEU A 31 3.36 -1.48 0.39
C LEU A 31 4.31 -2.64 0.67
N HIS A 32 3.82 -3.63 1.41
CA HIS A 32 4.62 -4.80 1.74
C HIS A 32 4.61 -5.81 0.59
N ARG A 33 5.67 -6.61 0.50
CA ARG A 33 5.79 -7.62 -0.54
C ARG A 33 4.64 -8.63 -0.45
N THR A 34 4.27 -8.99 0.76
CA THR A 34 3.20 -9.95 0.99
C THR A 34 1.83 -9.31 0.76
N CYS A 35 1.76 -8.00 0.99
CA CYS A 35 0.52 -7.26 0.82
C CYS A 35 0.31 -6.89 -0.65
N TYR A 36 1.39 -6.66 -1.36
CA TYR A 36 1.34 -6.30 -2.77
C TYR A 36 1.18 -7.54 -3.65
N GLU A 37 1.59 -8.69 -3.11
CA GLU A 37 1.49 -9.94 -3.85
C GLU A 37 0.05 -10.44 -3.89
N GLU A 38 -0.69 -10.16 -2.82
CA GLU A 38 -2.08 -10.58 -2.74
C GLU A 38 -2.96 -9.74 -3.66
N MET A 39 -3.14 -8.47 -3.31
CA MET A 39 -3.95 -7.56 -4.11
C MET A 39 -3.76 -7.82 -5.60
N LEU A 40 -2.52 -8.09 -6.00
CA LEU A 40 -2.20 -8.35 -7.39
C LEU A 40 -3.15 -9.39 -7.98
N LYS A 41 -3.34 -10.49 -7.25
CA LYS A 41 -4.23 -11.55 -7.70
C LYS A 41 -5.69 -11.14 -7.54
N GLU A 42 -6.01 -10.52 -6.42
CA GLU A 42 -7.37 -10.07 -6.15
C GLU A 42 -7.83 -9.04 -7.18
N GLY A 43 -9.03 -8.51 -6.99
CA GLY A 43 -9.56 -7.52 -7.91
C GLY A 43 -9.61 -6.14 -7.31
N TYR A 44 -8.52 -5.72 -6.66
CA TYR A 44 -8.45 -4.42 -6.03
C TYR A 44 -7.02 -3.89 -6.03
N ARG A 45 -6.87 -2.62 -6.40
CA ARG A 45 -5.54 -1.99 -6.45
C ARG A 45 -5.41 -0.95 -5.34
N CYS A 46 -4.28 -0.24 -5.34
CA CYS A 46 -4.01 0.78 -4.34
C CYS A 46 -5.31 1.48 -3.91
N PRO A 47 -5.80 1.13 -2.72
CA PRO A 47 -7.03 1.72 -2.18
C PRO A 47 -6.87 3.18 -1.79
N LEU A 48 -5.67 3.71 -2.01
CA LEU A 48 -5.38 5.10 -1.69
C LEU A 48 -5.64 6.01 -2.90
N CYS A 49 -5.10 5.62 -4.05
CA CYS A 49 -5.27 6.39 -5.28
C CYS A 49 -6.66 6.17 -5.86
N SER A 50 -7.55 7.14 -5.66
CA SER A 50 -8.91 7.05 -6.17
C SER A 50 -8.94 7.28 -7.68
N GLY A 51 -8.28 8.35 -8.12
CA GLY A 51 -8.24 8.66 -9.54
C GLY A 51 -6.90 8.36 -10.16
N PRO A 52 -6.91 7.91 -11.43
CA PRO A 52 -5.69 7.59 -12.17
C PRO A 52 -4.88 8.82 -12.53
N SER A 53 -3.67 8.91 -11.97
CA SER A 53 -2.80 10.05 -12.23
C SER A 53 -1.96 9.82 -13.48
N SER A 54 -1.20 10.85 -13.88
CA SER A 54 -0.36 10.76 -15.07
C SER A 54 1.11 10.80 -14.69
N GLY A 55 1.93 10.08 -15.46
CA GLY A 55 3.35 10.04 -15.19
C GLY A 55 3.91 8.64 -15.15
N GLY A 1 -9.43 8.05 5.63
CA GLY A 1 -9.87 9.11 4.76
C GLY A 1 -9.28 10.46 5.13
N SER A 2 -8.00 10.48 5.42
CA SER A 2 -7.31 11.71 5.80
C SER A 2 -6.02 11.89 5.02
N SER A 3 -5.82 13.08 4.48
CA SER A 3 -4.62 13.37 3.69
C SER A 3 -3.40 12.70 4.30
N GLY A 4 -2.76 11.82 3.53
CA GLY A 4 -1.59 11.12 4.00
C GLY A 4 -1.85 9.65 4.27
N SER A 5 -0.94 9.00 4.97
CA SER A 5 -1.08 7.58 5.29
C SER A 5 -0.37 7.25 6.60
N SER A 6 -0.94 6.32 7.36
CA SER A 6 -0.37 5.91 8.63
C SER A 6 0.20 4.48 8.54
N GLY A 7 0.90 4.21 7.45
CA GLY A 7 1.48 2.89 7.26
C GLY A 7 0.83 2.12 6.12
N CYS A 8 1.00 0.81 6.11
CA CYS A 8 0.43 -0.03 5.07
C CYS A 8 -1.10 -0.07 5.17
N PRO A 9 -1.77 0.40 4.12
CA PRO A 9 -3.23 0.44 4.06
C PRO A 9 -3.85 -0.96 3.94
N ILE A 10 -2.99 -1.97 3.98
CA ILE A 10 -3.44 -3.36 3.88
C ILE A 10 -3.47 -4.02 5.25
N CYS A 11 -2.32 -4.05 5.91
CA CYS A 11 -2.21 -4.66 7.23
C CYS A 11 -2.28 -3.60 8.32
N LEU A 12 -2.05 -2.35 7.94
CA LEU A 12 -2.10 -1.24 8.89
C LEU A 12 -1.07 -1.44 10.01
N GLU A 13 0.16 -1.79 9.63
CA GLU A 13 1.22 -2.00 10.60
C GLU A 13 2.45 -1.20 10.23
N ASP A 14 2.98 -0.45 11.21
CA ASP A 14 4.17 0.36 10.99
C ASP A 14 5.15 -0.35 10.06
N ILE A 15 5.34 0.19 8.87
CA ILE A 15 6.26 -0.39 7.89
C ILE A 15 7.70 -0.03 8.22
N HIS A 16 8.52 -1.06 8.45
CA HIS A 16 9.93 -0.86 8.77
C HIS A 16 10.77 -0.75 7.51
N THR A 17 11.95 -0.15 7.63
CA THR A 17 12.84 0.01 6.49
C THR A 17 13.95 -1.04 6.51
N SER A 18 14.43 -1.35 7.70
CA SER A 18 15.50 -2.34 7.85
C SER A 18 14.94 -3.67 8.37
N ARG A 19 13.77 -4.05 7.86
CA ARG A 19 13.13 -5.29 8.27
C ARG A 19 12.76 -6.14 7.06
N VAL A 20 11.82 -5.63 6.26
CA VAL A 20 11.38 -6.33 5.07
C VAL A 20 11.47 -5.44 3.83
N VAL A 21 11.27 -6.03 2.66
CA VAL A 21 11.34 -5.29 1.41
C VAL A 21 10.07 -4.48 1.19
N ALA A 22 10.22 -3.16 1.14
CA ALA A 22 9.09 -2.26 0.93
C ALA A 22 8.79 -2.08 -0.54
N HIS A 23 7.53 -2.23 -0.91
CA HIS A 23 7.12 -2.09 -2.31
C HIS A 23 6.50 -0.71 -2.55
N VAL A 24 7.27 0.17 -3.16
CA VAL A 24 6.81 1.53 -3.45
C VAL A 24 6.01 1.56 -4.75
N LEU A 25 4.69 1.69 -4.62
CA LEU A 25 3.82 1.74 -5.79
C LEU A 25 4.17 2.91 -6.70
N PRO A 26 3.88 2.77 -7.99
CA PRO A 26 4.16 3.81 -8.99
C PRO A 26 3.26 5.03 -8.82
N CYS A 27 2.42 5.00 -7.78
CA CYS A 27 1.51 6.11 -7.51
C CYS A 27 2.03 6.96 -6.37
N GLY A 28 2.77 6.34 -5.46
CA GLY A 28 3.32 7.07 -4.33
C GLY A 28 2.84 6.54 -3.00
N HIS A 29 2.90 5.22 -2.83
CA HIS A 29 2.45 4.57 -1.60
C HIS A 29 3.40 3.44 -1.21
N LEU A 30 3.47 3.17 0.09
CA LEU A 30 4.34 2.12 0.60
C LEU A 30 3.53 0.87 0.97
N LEU A 31 3.99 -0.28 0.51
CA LEU A 31 3.31 -1.55 0.80
C LEU A 31 4.31 -2.65 1.11
N HIS A 32 3.81 -3.82 1.47
CA HIS A 32 4.65 -4.95 1.80
C HIS A 32 4.70 -5.95 0.64
N ARG A 33 5.61 -6.91 0.73
CA ARG A 33 5.76 -7.92 -0.31
C ARG A 33 4.64 -8.95 -0.22
N THR A 34 4.20 -9.25 0.99
CA THR A 34 3.13 -10.22 1.21
C THR A 34 1.77 -9.58 1.03
N CYS A 35 1.71 -8.27 1.22
CA CYS A 35 0.45 -7.53 1.07
C CYS A 35 0.18 -7.20 -0.39
N TYR A 36 1.24 -6.89 -1.12
CA TYR A 36 1.11 -6.55 -2.53
C TYR A 36 0.77 -7.78 -3.37
N GLU A 37 1.42 -8.90 -3.06
CA GLU A 37 1.19 -10.15 -3.77
C GLU A 37 -0.27 -10.57 -3.67
N GLU A 38 -0.95 -10.10 -2.62
CA GLU A 38 -2.35 -10.43 -2.41
C GLU A 38 -3.25 -9.52 -3.24
N MET A 39 -3.25 -8.23 -2.91
CA MET A 39 -4.06 -7.26 -3.62
C MET A 39 -3.97 -7.47 -5.13
N LEU A 40 -2.81 -7.91 -5.59
CA LEU A 40 -2.58 -8.15 -7.01
C LEU A 40 -3.59 -9.15 -7.56
N LYS A 41 -3.83 -10.22 -6.80
CA LYS A 41 -4.77 -11.25 -7.21
C LYS A 41 -6.20 -10.84 -6.87
N GLU A 42 -6.35 -10.02 -5.84
CA GLU A 42 -7.66 -9.55 -5.41
C GLU A 42 -8.40 -8.87 -6.57
N GLY A 43 -7.96 -7.66 -6.92
CA GLY A 43 -8.57 -6.92 -8.00
C GLY A 43 -8.48 -5.43 -7.80
N TYR A 44 -7.28 -4.94 -7.52
CA TYR A 44 -7.07 -3.52 -7.30
C TYR A 44 -5.59 -3.19 -7.18
N ARG A 45 -5.14 -2.19 -7.91
CA ARG A 45 -3.74 -1.78 -7.90
C ARG A 45 -3.42 -0.99 -6.63
N CYS A 46 -4.38 -0.19 -6.16
CA CYS A 46 -4.21 0.60 -4.96
C CYS A 46 -5.55 1.12 -4.45
N PRO A 47 -5.87 0.81 -3.19
CA PRO A 47 -7.12 1.23 -2.55
C PRO A 47 -7.15 2.73 -2.29
N LEU A 48 -5.98 3.33 -2.14
CA LEU A 48 -5.88 4.76 -1.88
C LEU A 48 -6.08 5.56 -3.17
N CYS A 49 -5.53 5.06 -4.26
CA CYS A 49 -5.65 5.72 -5.55
C CYS A 49 -6.90 5.26 -6.29
N SER A 50 -8.01 5.17 -5.55
CA SER A 50 -9.28 4.74 -6.13
C SER A 50 -9.72 5.70 -7.24
N GLY A 51 -10.26 5.13 -8.31
CA GLY A 51 -10.71 5.95 -9.43
C GLY A 51 -10.04 5.57 -10.73
N PRO A 52 -10.69 5.91 -11.86
CA PRO A 52 -10.16 5.62 -13.20
C PRO A 52 -8.93 6.46 -13.53
N SER A 53 -8.49 7.26 -12.57
CA SER A 53 -7.32 8.11 -12.76
C SER A 53 -6.30 7.44 -13.68
N SER A 54 -5.85 6.26 -13.27
CA SER A 54 -4.87 5.51 -14.05
C SER A 54 -5.44 5.11 -15.40
N GLY A 55 -4.85 5.63 -16.47
CA GLY A 55 -5.32 5.31 -17.81
C GLY A 55 -4.20 5.35 -18.83
N GLY A 1 3.98 13.55 6.51
CA GLY A 1 2.59 13.39 6.87
C GLY A 1 2.42 12.65 8.19
N SER A 2 3.07 13.15 9.23
CA SER A 2 3.00 12.52 10.55
C SER A 2 1.54 12.41 11.01
N SER A 3 0.82 13.52 10.92
CA SER A 3 -0.59 13.55 11.34
C SER A 3 -1.49 13.12 10.19
N GLY A 4 -1.09 12.07 9.48
CA GLY A 4 -1.87 11.57 8.38
C GLY A 4 -1.70 10.08 8.16
N SER A 5 -0.71 9.72 7.33
CA SER A 5 -0.44 8.32 7.04
C SER A 5 0.04 7.58 8.29
N SER A 6 -0.53 6.41 8.54
CA SER A 6 -0.18 5.61 9.70
C SER A 6 0.73 4.45 9.30
N GLY A 7 0.41 3.82 8.17
CA GLY A 7 1.21 2.71 7.70
C GLY A 7 0.55 1.97 6.54
N CYS A 8 1.12 0.83 6.16
CA CYS A 8 0.59 0.04 5.07
C CYS A 8 -0.94 0.07 5.06
N PRO A 9 -1.51 0.62 3.98
CA PRO A 9 -2.96 0.73 3.82
C PRO A 9 -3.63 -0.62 3.62
N ILE A 10 -2.84 -1.68 3.68
CA ILE A 10 -3.35 -3.04 3.50
C ILE A 10 -3.52 -3.75 4.84
N CYS A 11 -2.40 -3.99 5.52
CA CYS A 11 -2.42 -4.67 6.80
C CYS A 11 -2.54 -3.66 7.94
N LEU A 12 -2.20 -2.40 7.65
CA LEU A 12 -2.28 -1.34 8.64
C LEU A 12 -1.32 -1.60 9.80
N GLU A 13 -0.07 -1.92 9.46
CA GLU A 13 0.95 -2.19 10.47
C GLU A 13 2.22 -1.40 10.18
N ASP A 14 2.68 -0.64 11.18
CA ASP A 14 3.89 0.17 11.04
C ASP A 14 4.90 -0.54 10.16
N ILE A 15 5.09 -0.04 8.94
CA ILE A 15 6.04 -0.61 8.01
C ILE A 15 7.47 -0.47 8.51
N HIS A 16 7.92 -1.45 9.30
CA HIS A 16 9.27 -1.43 9.85
C HIS A 16 10.29 -1.08 8.76
N THR A 17 11.00 0.03 8.97
CA THR A 17 12.01 0.48 8.02
C THR A 17 13.23 -0.43 8.04
N SER A 18 13.87 -0.60 6.88
CA SER A 18 15.05 -1.44 6.77
C SER A 18 14.82 -2.78 7.46
N ARG A 19 13.67 -3.39 7.20
CA ARG A 19 13.33 -4.68 7.79
C ARG A 19 12.82 -5.64 6.73
N VAL A 20 11.96 -5.16 5.84
CA VAL A 20 11.39 -5.98 4.78
C VAL A 20 11.31 -5.20 3.48
N VAL A 21 11.37 -5.91 2.36
CA VAL A 21 11.29 -5.30 1.05
C VAL A 21 9.92 -4.67 0.80
N ALA A 22 9.88 -3.34 0.72
CA ALA A 22 8.63 -2.62 0.50
C ALA A 22 8.43 -2.33 -0.98
N HIS A 23 7.30 -2.78 -1.52
CA HIS A 23 6.99 -2.56 -2.93
C HIS A 23 6.47 -1.15 -3.16
N VAL A 24 7.38 -0.25 -3.53
CA VAL A 24 7.02 1.14 -3.78
C VAL A 24 6.13 1.26 -5.02
N LEU A 25 4.95 1.84 -4.84
CA LEU A 25 4.01 2.02 -5.94
C LEU A 25 4.42 3.19 -6.82
N PRO A 26 3.99 3.16 -8.09
CA PRO A 26 4.29 4.22 -9.06
C PRO A 26 3.56 5.53 -8.74
N CYS A 27 2.77 5.51 -7.67
CA CYS A 27 2.02 6.69 -7.26
C CYS A 27 2.75 7.44 -6.15
N GLY A 28 3.40 6.68 -5.27
CA GLY A 28 4.14 7.30 -4.17
C GLY A 28 3.73 6.74 -2.82
N HIS A 29 3.53 5.42 -2.77
CA HIS A 29 3.14 4.77 -1.53
C HIS A 29 3.98 3.51 -1.29
N LEU A 30 4.11 3.13 -0.02
CA LEU A 30 4.88 1.95 0.35
C LEU A 30 3.97 0.77 0.67
N LEU A 31 4.36 -0.41 0.20
CA LEU A 31 3.57 -1.62 0.44
C LEU A 31 4.48 -2.79 0.79
N HIS A 32 3.91 -3.81 1.43
CA HIS A 32 4.67 -5.00 1.81
C HIS A 32 4.69 -6.01 0.67
N ARG A 33 5.65 -6.94 0.73
CA ARG A 33 5.79 -7.96 -0.29
C ARG A 33 4.62 -8.94 -0.26
N THR A 34 4.16 -9.27 0.95
CA THR A 34 3.05 -10.18 1.11
C THR A 34 1.72 -9.49 0.88
N CYS A 35 1.70 -8.18 1.07
CA CYS A 35 0.49 -7.38 0.88
C CYS A 35 0.28 -7.07 -0.60
N TYR A 36 1.38 -6.88 -1.32
CA TYR A 36 1.31 -6.56 -2.74
C TYR A 36 1.01 -7.81 -3.56
N GLU A 37 1.40 -8.97 -3.04
CA GLU A 37 1.16 -10.24 -3.72
C GLU A 37 -0.31 -10.63 -3.65
N GLU A 38 -0.94 -10.35 -2.52
CA GLU A 38 -2.34 -10.67 -2.33
C GLU A 38 -3.24 -9.78 -3.19
N MET A 39 -3.26 -8.49 -2.87
CA MET A 39 -4.06 -7.53 -3.62
C MET A 39 -4.03 -7.85 -5.11
N LEU A 40 -2.89 -8.31 -5.59
CA LEU A 40 -2.72 -8.65 -7.00
C LEU A 40 -3.77 -9.67 -7.44
N LYS A 41 -3.92 -10.74 -6.65
CA LYS A 41 -4.89 -11.78 -6.96
C LYS A 41 -6.32 -11.22 -6.95
N GLU A 42 -6.72 -10.70 -5.79
CA GLU A 42 -8.07 -10.14 -5.65
C GLU A 42 -8.48 -9.38 -6.91
N GLY A 43 -7.77 -8.29 -7.19
CA GLY A 43 -8.08 -7.49 -8.36
C GLY A 43 -8.37 -6.04 -8.02
N TYR A 44 -7.51 -5.45 -7.19
CA TYR A 44 -7.68 -4.06 -6.78
C TYR A 44 -6.33 -3.37 -6.64
N ARG A 45 -6.20 -2.22 -7.29
CA ARG A 45 -4.96 -1.45 -7.23
C ARG A 45 -4.92 -0.57 -5.99
N CYS A 46 -3.86 0.23 -5.87
CA CYS A 46 -3.70 1.12 -4.73
C CYS A 46 -5.04 1.72 -4.30
N PRO A 47 -5.55 1.26 -3.15
CA PRO A 47 -6.83 1.73 -2.61
C PRO A 47 -6.76 3.17 -2.12
N LEU A 48 -5.54 3.64 -1.88
CA LEU A 48 -5.33 5.02 -1.41
C LEU A 48 -5.55 6.02 -2.54
N CYS A 49 -5.02 5.69 -3.71
CA CYS A 49 -5.15 6.57 -4.88
C CYS A 49 -6.46 6.29 -5.62
N SER A 50 -7.54 6.87 -5.13
CA SER A 50 -8.85 6.68 -5.75
C SER A 50 -9.88 7.63 -5.13
N GLY A 51 -10.88 7.99 -5.93
CA GLY A 51 -11.92 8.89 -5.45
C GLY A 51 -13.32 8.36 -5.69
N PRO A 52 -13.93 8.77 -6.81
CA PRO A 52 -15.28 8.34 -7.18
C PRO A 52 -15.33 6.87 -7.59
N SER A 53 -16.53 6.30 -7.61
CA SER A 53 -16.72 4.91 -7.98
C SER A 53 -17.50 4.79 -9.28
N SER A 54 -17.18 5.65 -10.24
CA SER A 54 -17.85 5.63 -11.52
C SER A 54 -17.56 4.35 -12.29
N GLY A 55 -18.49 3.96 -13.16
CA GLY A 55 -18.32 2.74 -13.93
C GLY A 55 -19.14 1.59 -13.41
N GLY A 1 1.71 17.89 9.18
CA GLY A 1 2.82 16.96 8.99
C GLY A 1 2.45 15.81 8.09
N SER A 2 2.48 14.60 8.64
CA SER A 2 2.16 13.40 7.88
C SER A 2 0.71 12.98 8.11
N SER A 3 0.19 12.15 7.22
CA SER A 3 -1.19 11.68 7.33
C SER A 3 -1.35 10.74 8.52
N GLY A 4 -2.46 10.88 9.23
CA GLY A 4 -2.71 10.03 10.39
C GLY A 4 -2.35 8.59 10.14
N SER A 5 -2.94 8.00 9.10
CA SER A 5 -2.67 6.60 8.76
C SER A 5 -1.16 6.32 8.77
N SER A 6 -0.44 6.99 7.88
CA SER A 6 1.00 6.80 7.79
C SER A 6 1.38 5.34 7.95
N GLY A 7 0.63 4.46 7.30
CA GLY A 7 0.90 3.03 7.39
C GLY A 7 0.31 2.26 6.22
N CYS A 8 0.72 1.00 6.08
CA CYS A 8 0.23 0.15 5.02
C CYS A 8 -1.29 0.04 5.05
N PRO A 9 -1.95 0.48 3.98
CA PRO A 9 -3.41 0.44 3.87
C PRO A 9 -3.94 -0.98 3.73
N ILE A 10 -3.03 -1.95 3.79
CA ILE A 10 -3.41 -3.36 3.67
C ILE A 10 -3.50 -4.02 5.04
N CYS A 11 -2.38 -4.02 5.76
CA CYS A 11 -2.33 -4.62 7.09
C CYS A 11 -2.46 -3.56 8.17
N LEU A 12 -2.16 -2.31 7.82
CA LEU A 12 -2.24 -1.21 8.76
C LEU A 12 -1.24 -1.39 9.89
N GLU A 13 0.02 -1.66 9.54
CA GLU A 13 1.07 -1.84 10.53
C GLU A 13 2.31 -1.04 10.16
N ASP A 14 2.81 -0.27 11.12
CA ASP A 14 3.99 0.55 10.90
C ASP A 14 4.98 -0.16 9.98
N ILE A 15 5.15 0.38 8.78
CA ILE A 15 6.07 -0.19 7.80
C ILE A 15 7.52 -0.01 8.23
N HIS A 16 8.33 -1.04 8.04
CA HIS A 16 9.74 -0.98 8.40
C HIS A 16 10.61 -0.72 7.18
N THR A 17 11.93 -0.72 7.37
CA THR A 17 12.86 -0.48 6.28
C THR A 17 13.81 -1.65 6.10
N SER A 18 14.30 -2.19 7.22
CA SER A 18 15.22 -3.32 7.19
C SER A 18 14.47 -4.64 7.35
N ARG A 19 13.82 -4.80 8.49
CA ARG A 19 13.05 -6.02 8.76
C ARG A 19 12.40 -6.56 7.49
N VAL A 20 11.54 -5.75 6.89
CA VAL A 20 10.85 -6.14 5.67
C VAL A 20 11.13 -5.15 4.54
N VAL A 21 10.80 -5.56 3.31
CA VAL A 21 11.01 -4.72 2.14
C VAL A 21 9.85 -3.75 1.94
N ALA A 22 10.16 -2.55 1.45
CA ALA A 22 9.13 -1.55 1.20
C ALA A 22 8.89 -1.37 -0.29
N HIS A 23 7.82 -2.00 -0.78
CA HIS A 23 7.48 -1.92 -2.20
C HIS A 23 6.82 -0.57 -2.52
N VAL A 24 7.57 0.29 -3.21
CA VAL A 24 7.07 1.61 -3.58
C VAL A 24 6.16 1.52 -4.80
N LEU A 25 4.87 1.76 -4.59
CA LEU A 25 3.89 1.72 -5.66
C LEU A 25 4.25 2.71 -6.77
N PRO A 26 3.84 2.40 -8.00
CA PRO A 26 4.10 3.26 -9.17
C PRO A 26 3.32 4.56 -9.12
N CYS A 27 2.53 4.73 -8.05
CA CYS A 27 1.72 5.94 -7.89
C CYS A 27 2.38 6.90 -6.91
N GLY A 28 3.04 6.35 -5.88
CA GLY A 28 3.70 7.18 -4.90
C GLY A 28 3.33 6.79 -3.47
N HIS A 29 3.18 5.49 -3.24
CA HIS A 29 2.82 4.99 -1.93
C HIS A 29 3.74 3.84 -1.51
N LEU A 30 3.64 3.44 -0.24
CA LEU A 30 4.47 2.35 0.28
C LEU A 30 3.61 1.13 0.61
N LEU A 31 4.08 -0.04 0.19
CA LEU A 31 3.36 -1.28 0.45
C LEU A 31 4.32 -2.40 0.83
N HIS A 32 3.77 -3.51 1.31
CA HIS A 32 4.59 -4.65 1.71
C HIS A 32 4.68 -5.67 0.59
N ARG A 33 5.58 -6.64 0.74
CA ARG A 33 5.77 -7.67 -0.27
C ARG A 33 4.65 -8.72 -0.19
N THR A 34 4.26 -9.06 1.03
CA THR A 34 3.21 -10.05 1.24
C THR A 34 1.83 -9.43 1.02
N CYS A 35 1.75 -8.11 1.15
CA CYS A 35 0.49 -7.40 0.96
C CYS A 35 0.23 -7.12 -0.52
N TYR A 36 1.28 -6.71 -1.23
CA TYR A 36 1.16 -6.40 -2.65
C TYR A 36 0.89 -7.67 -3.45
N GLU A 37 1.44 -8.79 -3.00
CA GLU A 37 1.25 -10.07 -3.68
C GLU A 37 -0.21 -10.54 -3.58
N GLU A 38 -0.95 -9.94 -2.65
CA GLU A 38 -2.35 -10.29 -2.45
C GLU A 38 -3.25 -9.46 -3.36
N MET A 39 -3.14 -8.14 -3.23
CA MET A 39 -3.95 -7.24 -4.04
C MET A 39 -3.73 -7.49 -5.54
N LEU A 40 -2.64 -8.18 -5.85
CA LEU A 40 -2.32 -8.50 -7.24
C LEU A 40 -3.34 -9.47 -7.83
N LYS A 41 -3.36 -10.69 -7.30
CA LYS A 41 -4.28 -11.71 -7.77
C LYS A 41 -5.73 -11.32 -7.48
N GLU A 42 -5.94 -10.61 -6.37
CA GLU A 42 -7.27 -10.17 -5.99
C GLU A 42 -7.90 -9.32 -7.09
N GLY A 43 -7.34 -8.14 -7.33
CA GLY A 43 -7.86 -7.26 -8.35
C GLY A 43 -7.85 -5.81 -7.93
N TYR A 44 -8.34 -5.54 -6.73
CA TYR A 44 -8.39 -4.18 -6.20
C TYR A 44 -7.02 -3.52 -6.25
N ARG A 45 -6.97 -2.31 -6.78
CA ARG A 45 -5.71 -1.57 -6.88
C ARG A 45 -5.47 -0.73 -5.64
N CYS A 46 -4.41 0.08 -5.67
CA CYS A 46 -4.06 0.93 -4.55
C CYS A 46 -5.32 1.49 -3.89
N PRO A 47 -5.59 1.05 -2.65
CA PRO A 47 -6.75 1.50 -1.88
C PRO A 47 -6.64 2.96 -1.45
N LEU A 48 -5.49 3.56 -1.72
CA LEU A 48 -5.26 4.96 -1.36
C LEU A 48 -5.62 5.88 -2.53
N CYS A 49 -5.25 5.48 -3.73
CA CYS A 49 -5.52 6.27 -4.93
C CYS A 49 -6.92 5.98 -5.45
N SER A 50 -7.90 5.91 -4.54
CA SER A 50 -9.28 5.64 -4.92
C SER A 50 -9.88 6.81 -5.70
N GLY A 51 -10.11 6.59 -6.99
CA GLY A 51 -10.68 7.64 -7.81
C GLY A 51 -9.70 8.14 -8.86
N PRO A 52 -10.16 8.26 -10.11
CA PRO A 52 -9.34 8.73 -11.22
C PRO A 52 -9.01 10.22 -11.10
N SER A 53 -9.59 10.88 -10.12
CA SER A 53 -9.37 12.30 -9.90
C SER A 53 -7.93 12.68 -10.26
N SER A 54 -7.75 13.23 -11.44
CA SER A 54 -6.43 13.65 -11.91
C SER A 54 -6.50 14.98 -12.63
N GLY A 55 -5.72 15.95 -12.15
CA GLY A 55 -5.71 17.27 -12.76
C GLY A 55 -6.76 18.19 -12.18
N GLY A 1 -13.82 2.84 5.23
CA GLY A 1 -13.82 3.66 6.43
C GLY A 1 -12.71 3.29 7.39
N SER A 2 -11.48 3.61 7.02
CA SER A 2 -10.32 3.30 7.86
C SER A 2 -9.14 4.19 7.50
N SER A 3 -8.46 4.71 8.52
CA SER A 3 -7.32 5.59 8.32
C SER A 3 -6.07 5.00 8.97
N GLY A 4 -4.91 5.49 8.55
CA GLY A 4 -3.65 5.00 9.10
C GLY A 4 -2.61 6.09 9.23
N SER A 5 -1.48 5.77 9.85
CA SER A 5 -0.41 6.74 10.05
C SER A 5 0.74 6.46 9.09
N SER A 6 0.60 6.94 7.85
CA SER A 6 1.62 6.75 6.83
C SER A 6 2.14 5.31 6.84
N GLY A 7 1.22 4.37 6.92
CA GLY A 7 1.59 2.96 6.93
C GLY A 7 0.95 2.18 5.79
N CYS A 8 1.20 0.88 5.77
CA CYS A 8 0.64 0.02 4.73
C CYS A 8 -0.89 0.04 4.77
N PRO A 9 -1.51 0.52 3.68
CA PRO A 9 -2.96 0.60 3.57
C PRO A 9 -3.60 -0.78 3.44
N ILE A 10 -2.79 -1.83 3.53
CA ILE A 10 -3.28 -3.20 3.43
C ILE A 10 -3.42 -3.83 4.81
N CYS A 11 -2.30 -3.92 5.53
CA CYS A 11 -2.30 -4.52 6.86
C CYS A 11 -2.36 -3.43 7.94
N LEU A 12 -2.15 -2.19 7.52
CA LEU A 12 -2.17 -1.06 8.44
C LEU A 12 -1.14 -1.23 9.55
N GLU A 13 0.07 -1.62 9.16
CA GLU A 13 1.15 -1.81 10.12
C GLU A 13 2.42 -1.06 9.68
N ASP A 14 3.04 -0.38 10.63
CA ASP A 14 4.25 0.38 10.34
C ASP A 14 5.14 -0.38 9.37
N ILE A 15 5.60 0.33 8.33
CA ILE A 15 6.48 -0.28 7.33
C ILE A 15 7.94 0.02 7.61
N HIS A 16 8.56 -0.84 8.41
CA HIS A 16 9.97 -0.67 8.76
C HIS A 16 10.88 -1.01 7.58
N THR A 17 11.57 -0.01 7.06
CA THR A 17 12.46 -0.20 5.92
C THR A 17 13.84 -0.68 6.39
N SER A 18 13.84 -1.52 7.41
CA SER A 18 15.09 -2.04 7.96
C SER A 18 14.99 -3.55 8.19
N ARG A 19 13.82 -4.00 8.63
CA ARG A 19 13.59 -5.41 8.89
C ARG A 19 12.89 -6.08 7.72
N VAL A 20 11.83 -5.43 7.23
CA VAL A 20 11.06 -5.95 6.10
C VAL A 20 11.25 -5.09 4.86
N VAL A 21 11.08 -5.70 3.69
CA VAL A 21 11.23 -4.99 2.43
C VAL A 21 10.07 -4.03 2.21
N ALA A 22 10.29 -3.04 1.34
CA ALA A 22 9.27 -2.05 1.03
C ALA A 22 9.06 -1.91 -0.47
N HIS A 23 7.86 -2.23 -0.93
CA HIS A 23 7.53 -2.14 -2.34
C HIS A 23 6.79 -0.84 -2.66
N VAL A 24 7.52 0.13 -3.21
CA VAL A 24 6.93 1.42 -3.56
C VAL A 24 6.15 1.34 -4.87
N LEU A 25 4.92 1.82 -4.85
CA LEU A 25 4.08 1.81 -6.04
C LEU A 25 4.33 3.03 -6.91
N PRO A 26 4.01 2.92 -8.20
CA PRO A 26 4.19 4.01 -9.17
C PRO A 26 3.23 5.16 -8.93
N CYS A 27 2.42 5.04 -7.88
CA CYS A 27 1.45 6.08 -7.55
C CYS A 27 1.99 6.98 -6.45
N GLY A 28 2.68 6.39 -5.48
CA GLY A 28 3.24 7.15 -4.38
C GLY A 28 2.86 6.58 -3.03
N HIS A 29 2.90 5.25 -2.91
CA HIS A 29 2.57 4.58 -1.67
C HIS A 29 3.44 3.36 -1.45
N LEU A 30 3.72 3.04 -0.19
CA LEU A 30 4.55 1.89 0.14
C LEU A 30 3.68 0.68 0.49
N LEU A 31 4.15 -0.51 0.11
CA LEU A 31 3.42 -1.74 0.39
C LEU A 31 4.39 -2.86 0.80
N HIS A 32 3.83 -3.95 1.31
CA HIS A 32 4.64 -5.09 1.73
C HIS A 32 4.69 -6.15 0.63
N ARG A 33 5.76 -6.94 0.64
CA ARG A 33 5.94 -7.99 -0.35
C ARG A 33 4.76 -8.97 -0.33
N THR A 34 4.26 -9.26 0.87
CA THR A 34 3.14 -10.18 1.02
C THR A 34 1.83 -9.51 0.64
N CYS A 35 1.57 -8.35 1.24
CA CYS A 35 0.34 -7.60 0.97
C CYS A 35 0.18 -7.36 -0.53
N TYR A 36 1.29 -7.12 -1.21
CA TYR A 36 1.27 -6.87 -2.64
C TYR A 36 0.91 -8.13 -3.42
N GLU A 37 1.34 -9.27 -2.88
CA GLU A 37 1.06 -10.55 -3.53
C GLU A 37 -0.44 -10.85 -3.54
N GLU A 38 -1.17 -10.18 -2.65
CA GLU A 38 -2.62 -10.37 -2.56
C GLU A 38 -3.35 -9.44 -3.52
N MET A 39 -3.29 -8.14 -3.24
CA MET A 39 -3.95 -7.15 -4.08
C MET A 39 -3.70 -7.44 -5.56
N LEU A 40 -2.56 -8.05 -5.86
CA LEU A 40 -2.21 -8.39 -7.23
C LEU A 40 -3.28 -9.28 -7.87
N LYS A 41 -3.61 -10.37 -7.19
CA LYS A 41 -4.62 -11.30 -7.69
C LYS A 41 -6.02 -10.71 -7.54
N GLU A 42 -6.22 -9.94 -6.47
CA GLU A 42 -7.51 -9.31 -6.22
C GLU A 42 -7.80 -8.23 -7.26
N GLY A 43 -9.08 -7.87 -7.38
CA GLY A 43 -9.48 -6.85 -8.34
C GLY A 43 -9.24 -5.45 -7.81
N TYR A 44 -8.14 -5.25 -7.10
CA TYR A 44 -7.80 -3.95 -6.54
C TYR A 44 -6.29 -3.78 -6.45
N ARG A 45 -5.81 -2.59 -6.83
CA ARG A 45 -4.39 -2.30 -6.79
C ARG A 45 -4.05 -1.46 -5.56
N CYS A 46 -4.39 -0.17 -5.61
CA CYS A 46 -4.13 0.73 -4.49
C CYS A 46 -5.41 1.42 -4.03
N PRO A 47 -5.85 1.08 -2.81
CA PRO A 47 -7.07 1.65 -2.23
C PRO A 47 -6.89 3.13 -1.85
N LEU A 48 -5.65 3.53 -1.65
CA LEU A 48 -5.34 4.92 -1.29
C LEU A 48 -5.57 5.85 -2.47
N CYS A 49 -5.37 5.32 -3.68
CA CYS A 49 -5.55 6.12 -4.89
C CYS A 49 -6.95 5.89 -5.48
N SER A 50 -7.93 6.62 -4.95
CA SER A 50 -9.30 6.50 -5.43
C SER A 50 -9.44 7.02 -6.85
N GLY A 51 -10.59 6.76 -7.46
CA GLY A 51 -10.83 7.21 -8.82
C GLY A 51 -12.01 6.52 -9.46
N PRO A 52 -11.92 6.27 -10.78
CA PRO A 52 -13.00 5.62 -11.53
C PRO A 52 -13.14 4.14 -11.18
N SER A 53 -14.04 3.85 -10.24
CA SER A 53 -14.28 2.47 -9.81
C SER A 53 -15.76 2.15 -9.83
N SER A 54 -16.45 2.56 -10.89
CA SER A 54 -17.87 2.31 -11.03
C SER A 54 -18.18 0.83 -10.87
N GLY A 55 -19.22 0.53 -10.10
CA GLY A 55 -19.60 -0.85 -9.87
C GLY A 55 -19.57 -1.24 -8.40
N GLY A 1 -9.11 9.42 13.26
CA GLY A 1 -7.89 9.21 12.48
C GLY A 1 -8.18 8.87 11.04
N SER A 2 -7.57 7.79 10.57
CA SER A 2 -7.76 7.35 9.18
C SER A 2 -7.69 8.54 8.23
N SER A 3 -6.72 9.43 8.47
CA SER A 3 -6.55 10.61 7.62
C SER A 3 -5.09 10.75 7.19
N GLY A 4 -4.83 10.44 5.92
CA GLY A 4 -3.48 10.54 5.40
C GLY A 4 -2.78 9.20 5.35
N SER A 5 -1.69 9.13 4.58
CA SER A 5 -0.93 7.89 4.45
C SER A 5 -0.62 7.29 5.81
N SER A 6 -1.43 6.33 6.23
CA SER A 6 -1.24 5.67 7.51
C SER A 6 -0.68 4.26 7.32
N GLY A 7 0.65 4.15 7.34
CA GLY A 7 1.28 2.87 7.18
C GLY A 7 0.76 2.11 5.98
N CYS A 8 0.79 0.78 6.05
CA CYS A 8 0.32 -0.07 4.96
C CYS A 8 -1.20 -0.10 4.93
N PRO A 9 -1.78 0.34 3.79
CA PRO A 9 -3.24 0.37 3.61
C PRO A 9 -3.84 -1.03 3.49
N ILE A 10 -2.99 -2.05 3.65
CA ILE A 10 -3.43 -3.43 3.55
C ILE A 10 -3.58 -4.05 4.94
N CYS A 11 -2.44 -4.25 5.61
CA CYS A 11 -2.44 -4.84 6.94
C CYS A 11 -2.63 -3.76 8.01
N LEU A 12 -2.24 -2.54 7.68
CA LEU A 12 -2.37 -1.42 8.60
C LEU A 12 -1.41 -1.56 9.77
N GLU A 13 -0.13 -1.73 9.46
CA GLU A 13 0.89 -1.87 10.49
C GLU A 13 2.17 -1.13 10.10
N ASP A 14 2.74 -0.40 11.06
CA ASP A 14 3.97 0.35 10.82
C ASP A 14 4.88 -0.39 9.86
N ILE A 15 5.23 0.25 8.76
CA ILE A 15 6.11 -0.35 7.76
C ILE A 15 7.58 -0.12 8.11
N HIS A 16 8.38 -1.18 8.01
CA HIS A 16 9.80 -1.08 8.31
C HIS A 16 10.62 -0.99 7.03
N THR A 17 11.94 -1.00 7.18
CA THR A 17 12.84 -0.90 6.04
C THR A 17 13.87 -2.03 6.05
N SER A 18 14.36 -2.35 7.23
CA SER A 18 15.36 -3.42 7.39
C SER A 18 14.68 -4.78 7.43
N ARG A 19 13.69 -4.93 8.31
CA ARG A 19 12.97 -6.19 8.45
C ARG A 19 12.19 -6.50 7.19
N VAL A 20 11.24 -5.64 6.83
CA VAL A 20 10.44 -5.83 5.64
C VAL A 20 10.66 -4.71 4.64
N VAL A 21 10.65 -5.06 3.36
CA VAL A 21 10.85 -4.09 2.29
C VAL A 21 9.58 -3.28 2.04
N ALA A 22 9.74 -2.07 1.52
CA ALA A 22 8.60 -1.20 1.22
C ALA A 22 8.44 -1.01 -0.28
N HIS A 23 7.57 -1.83 -0.88
CA HIS A 23 7.32 -1.74 -2.31
C HIS A 23 6.66 -0.42 -2.67
N VAL A 24 7.45 0.50 -3.22
CA VAL A 24 6.94 1.81 -3.62
C VAL A 24 6.16 1.73 -4.92
N LEU A 25 4.84 1.76 -4.82
CA LEU A 25 3.98 1.69 -6.00
C LEU A 25 4.27 2.84 -6.95
N PRO A 26 3.93 2.65 -8.24
CA PRO A 26 4.14 3.66 -9.27
C PRO A 26 3.22 4.86 -9.11
N CYS A 27 2.42 4.85 -8.05
CA CYS A 27 1.50 5.94 -7.77
C CYS A 27 2.07 6.90 -6.73
N GLY A 28 2.74 6.33 -5.72
CA GLY A 28 3.34 7.16 -4.68
C GLY A 28 2.97 6.67 -3.29
N HIS A 29 2.97 5.36 -3.11
CA HIS A 29 2.63 4.77 -1.81
C HIS A 29 3.58 3.62 -1.48
N LEU A 30 3.60 3.23 -0.21
CA LEU A 30 4.46 2.13 0.25
C LEU A 30 3.62 0.91 0.62
N LEU A 31 4.11 -0.27 0.23
CA LEU A 31 3.41 -1.51 0.52
C LEU A 31 4.40 -2.61 0.90
N HIS A 32 3.88 -3.74 1.37
CA HIS A 32 4.71 -4.87 1.77
C HIS A 32 4.83 -5.87 0.63
N ARG A 33 5.91 -6.64 0.64
CA ARG A 33 6.15 -7.65 -0.39
C ARG A 33 5.14 -8.78 -0.29
N THR A 34 4.58 -8.96 0.90
CA THR A 34 3.60 -10.01 1.15
C THR A 34 2.18 -9.50 0.97
N CYS A 35 2.02 -8.18 1.08
CA CYS A 35 0.71 -7.55 0.94
C CYS A 35 0.39 -7.29 -0.53
N TYR A 36 1.42 -6.98 -1.31
CA TYR A 36 1.25 -6.71 -2.73
C TYR A 36 0.93 -7.98 -3.50
N GLU A 37 1.44 -9.10 -3.01
CA GLU A 37 1.21 -10.39 -3.65
C GLU A 37 -0.24 -10.84 -3.47
N GLU A 38 -0.89 -10.30 -2.45
CA GLU A 38 -2.28 -10.64 -2.15
C GLU A 38 -3.23 -9.79 -2.99
N MET A 39 -3.12 -8.48 -2.84
CA MET A 39 -3.98 -7.56 -3.58
C MET A 39 -3.94 -7.86 -5.08
N LEU A 40 -2.75 -8.12 -5.59
CA LEU A 40 -2.58 -8.43 -7.00
C LEU A 40 -3.62 -9.44 -7.48
N LYS A 41 -3.80 -10.51 -6.71
CA LYS A 41 -4.76 -11.55 -7.04
C LYS A 41 -6.18 -11.00 -6.97
N GLU A 42 -6.47 -10.22 -5.93
CA GLU A 42 -7.79 -9.63 -5.74
C GLU A 42 -8.20 -8.82 -6.96
N GLY A 43 -7.52 -7.70 -7.18
CA GLY A 43 -7.82 -6.85 -8.30
C GLY A 43 -7.39 -5.41 -8.08
N TYR A 44 -7.72 -4.87 -6.91
CA TYR A 44 -7.37 -3.49 -6.58
C TYR A 44 -5.86 -3.30 -6.58
N ARG A 45 -5.41 -2.19 -7.16
CA ARG A 45 -3.99 -1.89 -7.24
C ARG A 45 -3.56 -0.95 -6.11
N CYS A 46 -4.53 -0.19 -5.58
CA CYS A 46 -4.26 0.74 -4.50
C CYS A 46 -5.55 1.35 -3.98
N PRO A 47 -5.89 1.03 -2.72
CA PRO A 47 -7.10 1.54 -2.07
C PRO A 47 -7.02 3.03 -1.77
N LEU A 48 -5.82 3.59 -1.90
CA LEU A 48 -5.61 5.02 -1.65
C LEU A 48 -5.87 5.83 -2.91
N CYS A 49 -5.29 5.39 -4.02
CA CYS A 49 -5.46 6.08 -5.29
C CYS A 49 -6.75 5.64 -5.98
N SER A 50 -7.83 6.36 -5.69
CA SER A 50 -9.13 6.05 -6.28
C SER A 50 -9.37 6.87 -7.55
N GLY A 51 -9.76 6.20 -8.62
CA GLY A 51 -10.01 6.88 -9.88
C GLY A 51 -10.10 5.92 -11.05
N PRO A 52 -11.34 5.61 -11.47
CA PRO A 52 -11.59 4.69 -12.58
C PRO A 52 -11.19 5.30 -13.92
N SER A 53 -10.98 6.62 -13.93
CA SER A 53 -10.59 7.32 -15.15
C SER A 53 -9.29 6.76 -15.72
N SER A 54 -8.28 6.66 -14.86
CA SER A 54 -6.98 6.14 -15.27
C SER A 54 -6.60 6.66 -16.65
N GLY A 55 -6.83 7.95 -16.88
CA GLY A 55 -6.50 8.55 -18.16
C GLY A 55 -7.70 9.21 -18.81
N GLY A 1 -11.74 9.47 9.45
CA GLY A 1 -10.78 10.19 10.27
C GLY A 1 -9.62 10.73 9.45
N SER A 2 -8.96 9.86 8.70
CA SER A 2 -7.83 10.26 7.87
C SER A 2 -8.10 9.98 6.40
N SER A 3 -7.90 10.99 5.56
CA SER A 3 -8.12 10.85 4.12
C SER A 3 -7.32 9.69 3.55
N GLY A 4 -6.03 9.68 3.86
CA GLY A 4 -5.16 8.61 3.37
C GLY A 4 -4.20 8.11 4.43
N SER A 5 -3.97 6.80 4.45
CA SER A 5 -3.08 6.20 5.42
C SER A 5 -1.76 5.79 4.77
N SER A 6 -0.78 6.69 4.83
CA SER A 6 0.53 6.42 4.24
C SER A 6 0.94 4.97 4.44
N GLY A 7 0.66 4.43 5.62
CA GLY A 7 1.00 3.06 5.92
C GLY A 7 0.34 2.08 4.97
N CYS A 8 0.36 0.81 5.33
CA CYS A 8 -0.24 -0.24 4.49
C CYS A 8 -1.74 -0.33 4.75
N PRO A 9 -2.54 0.05 3.74
CA PRO A 9 -4.00 0.02 3.83
C PRO A 9 -4.55 -1.41 3.84
N ILE A 10 -3.68 -2.38 3.54
CA ILE A 10 -4.07 -3.78 3.52
C ILE A 10 -4.14 -4.34 4.93
N CYS A 11 -3.00 -4.37 5.61
CA CYS A 11 -2.93 -4.89 6.98
C CYS A 11 -3.16 -3.79 8.00
N LEU A 12 -2.96 -2.54 7.56
CA LEU A 12 -3.15 -1.39 8.44
C LEU A 12 -2.11 -1.38 9.56
N GLU A 13 -0.84 -1.51 9.19
CA GLU A 13 0.24 -1.52 10.17
C GLU A 13 1.48 -0.81 9.60
N ASP A 14 2.20 -0.11 10.48
CA ASP A 14 3.41 0.60 10.08
C ASP A 14 4.31 -0.30 9.24
N ILE A 15 4.89 0.27 8.19
CA ILE A 15 5.78 -0.48 7.30
C ILE A 15 7.23 -0.10 7.55
N HIS A 16 8.10 -1.11 7.54
CA HIS A 16 9.53 -0.88 7.75
C HIS A 16 10.34 -1.25 6.51
N THR A 17 11.61 -0.86 6.50
CA THR A 17 12.49 -1.14 5.37
C THR A 17 13.64 -2.05 5.78
N SER A 18 14.31 -1.69 6.87
CA SER A 18 15.43 -2.46 7.37
C SER A 18 15.04 -3.92 7.56
N ARG A 19 13.96 -4.15 8.31
CA ARG A 19 13.48 -5.50 8.56
C ARG A 19 12.92 -6.13 7.30
N VAL A 20 11.78 -5.61 6.83
CA VAL A 20 11.15 -6.13 5.63
C VAL A 20 11.32 -5.17 4.46
N VAL A 21 11.20 -5.69 3.25
CA VAL A 21 11.35 -4.88 2.04
C VAL A 21 10.05 -4.19 1.69
N ALA A 22 10.10 -2.86 1.58
CA ALA A 22 8.92 -2.07 1.24
C ALA A 22 8.74 -1.98 -0.27
N HIS A 23 7.49 -2.13 -0.73
CA HIS A 23 7.19 -2.06 -2.15
C HIS A 23 6.53 -0.72 -2.49
N VAL A 24 7.35 0.23 -2.96
CA VAL A 24 6.85 1.54 -3.33
C VAL A 24 6.15 1.50 -4.68
N LEU A 25 4.89 1.93 -4.70
CA LEU A 25 4.11 1.95 -5.93
C LEU A 25 4.39 3.22 -6.73
N PRO A 26 4.14 3.15 -8.06
CA PRO A 26 4.36 4.29 -8.95
C PRO A 26 3.35 5.41 -8.72
N CYS A 27 2.49 5.23 -7.73
CA CYS A 27 1.48 6.23 -7.40
C CYS A 27 1.93 7.10 -6.22
N GLY A 28 2.70 6.50 -5.32
CA GLY A 28 3.19 7.22 -4.17
C GLY A 28 2.72 6.61 -2.86
N HIS A 29 2.76 5.28 -2.78
CA HIS A 29 2.33 4.58 -1.57
C HIS A 29 3.25 3.40 -1.28
N LEU A 30 3.49 3.14 0.00
CA LEU A 30 4.35 2.04 0.41
C LEU A 30 3.53 0.83 0.82
N LEU A 31 3.99 -0.35 0.44
CA LEU A 31 3.30 -1.60 0.78
C LEU A 31 4.28 -2.66 1.26
N HIS A 32 3.77 -3.86 1.51
CA HIS A 32 4.60 -4.96 1.97
C HIS A 32 4.89 -5.94 0.84
N ARG A 33 5.96 -6.71 0.98
CA ARG A 33 6.35 -7.69 -0.03
C ARG A 33 5.31 -8.79 -0.15
N THR A 34 4.56 -9.01 0.94
CA THR A 34 3.53 -10.04 0.96
C THR A 34 2.17 -9.46 0.59
N CYS A 35 1.79 -8.38 1.26
CA CYS A 35 0.51 -7.73 1.01
C CYS A 35 0.37 -7.36 -0.47
N TYR A 36 1.49 -7.03 -1.10
CA TYR A 36 1.49 -6.66 -2.51
C TYR A 36 1.11 -7.86 -3.39
N GLU A 37 1.38 -9.06 -2.88
CA GLU A 37 1.07 -10.28 -3.62
C GLU A 37 -0.40 -10.63 -3.49
N GLU A 38 -0.99 -10.30 -2.34
CA GLU A 38 -2.40 -10.59 -2.09
C GLU A 38 -3.30 -9.69 -2.92
N MET A 39 -3.11 -8.38 -2.80
CA MET A 39 -3.91 -7.41 -3.54
C MET A 39 -3.92 -7.76 -5.03
N LEU A 40 -2.76 -8.14 -5.56
CA LEU A 40 -2.65 -8.50 -6.97
C LEU A 40 -3.76 -9.46 -7.39
N LYS A 41 -4.10 -10.38 -6.50
CA LYS A 41 -5.15 -11.36 -6.76
C LYS A 41 -6.53 -10.70 -6.69
N GLU A 42 -6.80 -10.02 -5.58
CA GLU A 42 -8.08 -9.35 -5.40
C GLU A 42 -8.50 -8.61 -6.67
N GLY A 43 -7.85 -7.49 -6.93
CA GLY A 43 -8.16 -6.71 -8.13
C GLY A 43 -8.09 -5.22 -7.87
N TYR A 44 -6.95 -4.77 -7.35
CA TYR A 44 -6.75 -3.35 -7.06
C TYR A 44 -5.27 -3.04 -6.86
N ARG A 45 -4.75 -2.14 -7.69
CA ARG A 45 -3.35 -1.75 -7.61
C ARG A 45 -3.09 -0.88 -6.38
N CYS A 46 -4.14 -0.21 -5.90
CA CYS A 46 -4.03 0.65 -4.74
C CYS A 46 -5.40 1.16 -4.31
N PRO A 47 -5.85 0.75 -3.11
CA PRO A 47 -7.14 1.15 -2.56
C PRO A 47 -7.17 2.62 -2.17
N LEU A 48 -5.99 3.21 -1.99
CA LEU A 48 -5.88 4.61 -1.62
C LEU A 48 -6.06 5.52 -2.83
N CYS A 49 -5.56 5.06 -3.97
CA CYS A 49 -5.67 5.83 -5.20
C CYS A 49 -7.00 5.55 -5.91
N SER A 50 -8.04 6.25 -5.48
CA SER A 50 -9.37 6.07 -6.06
C SER A 50 -9.63 7.10 -7.15
N GLY A 51 -10.01 6.62 -8.33
CA GLY A 51 -10.28 7.50 -9.45
C GLY A 51 -9.82 6.93 -10.77
N PRO A 52 -10.60 5.99 -11.31
CA PRO A 52 -10.29 5.33 -12.58
C PRO A 52 -10.44 6.28 -13.77
N SER A 53 -9.32 6.68 -14.36
CA SER A 53 -9.33 7.58 -15.51
C SER A 53 -9.08 6.82 -16.81
N SER A 54 -10.15 6.29 -17.40
CA SER A 54 -10.05 5.54 -18.64
C SER A 54 -10.75 6.28 -19.78
N GLY A 55 -10.11 6.30 -20.94
CA GLY A 55 -10.68 6.98 -22.09
C GLY A 55 -11.34 8.29 -21.72
N GLY A 1 -3.06 4.52 19.27
CA GLY A 1 -3.29 4.92 17.89
C GLY A 1 -2.13 4.58 16.98
N SER A 2 -1.84 5.48 16.05
CA SER A 2 -0.75 5.28 15.10
C SER A 2 0.34 6.33 15.29
N SER A 3 1.53 6.03 14.79
CA SER A 3 2.66 6.95 14.90
C SER A 3 3.41 7.05 13.58
N GLY A 4 3.77 8.28 13.20
CA GLY A 4 4.50 8.48 11.95
C GLY A 4 3.61 8.32 10.74
N SER A 5 4.17 7.73 9.68
CA SER A 5 3.43 7.53 8.44
C SER A 5 2.14 6.75 8.71
N SER A 6 1.31 6.63 7.68
CA SER A 6 0.05 5.91 7.80
C SER A 6 0.29 4.41 7.98
N GLY A 7 1.17 3.86 7.16
CA GLY A 7 1.47 2.44 7.25
C GLY A 7 0.83 1.65 6.13
N CYS A 8 0.94 0.33 6.20
CA CYS A 8 0.37 -0.55 5.18
C CYS A 8 -1.14 -0.66 5.35
N PRO A 9 -1.89 -0.16 4.35
CA PRO A 9 -3.35 -0.19 4.37
C PRO A 9 -3.90 -1.60 4.20
N ILE A 10 -3.00 -2.56 4.07
CA ILE A 10 -3.41 -3.96 3.90
C ILE A 10 -3.40 -4.70 5.24
N CYS A 11 -2.21 -4.84 5.82
CA CYS A 11 -2.07 -5.52 7.10
C CYS A 11 -2.22 -4.54 8.26
N LEU A 12 -2.03 -3.26 7.98
CA LEU A 12 -2.15 -2.22 9.00
C LEU A 12 -1.04 -2.35 10.04
N GLU A 13 0.18 -2.64 9.58
CA GLU A 13 1.31 -2.79 10.48
C GLU A 13 2.46 -1.87 10.06
N ASP A 14 2.92 -1.06 11.00
CA ASP A 14 4.02 -0.13 10.73
C ASP A 14 5.04 -0.76 9.78
N ILE A 15 5.47 0.02 8.80
CA ILE A 15 6.45 -0.44 7.82
C ILE A 15 7.86 0.01 8.19
N HIS A 16 8.44 -0.66 9.18
CA HIS A 16 9.79 -0.32 9.62
C HIS A 16 10.78 -0.37 8.46
N THR A 17 11.63 0.64 8.38
CA THR A 17 12.63 0.72 7.31
C THR A 17 13.76 -0.27 7.54
N SER A 18 14.53 -0.53 6.49
CA SER A 18 15.65 -1.46 6.58
C SER A 18 15.31 -2.65 7.47
N ARG A 19 14.04 -3.08 7.41
CA ARG A 19 13.59 -4.21 8.20
C ARG A 19 12.86 -5.23 7.33
N VAL A 20 11.88 -4.76 6.56
CA VAL A 20 11.11 -5.63 5.68
C VAL A 20 11.07 -5.08 4.26
N VAL A 21 11.11 -5.97 3.28
CA VAL A 21 11.07 -5.58 1.88
C VAL A 21 9.84 -4.72 1.58
N ALA A 22 10.09 -3.51 1.07
CA ALA A 22 9.00 -2.59 0.74
C ALA A 22 8.80 -2.50 -0.77
N HIS A 23 7.56 -2.28 -1.18
CA HIS A 23 7.23 -2.17 -2.60
C HIS A 23 6.60 -0.81 -2.91
N VAL A 24 7.45 0.19 -3.12
CA VAL A 24 6.98 1.54 -3.42
C VAL A 24 6.19 1.56 -4.72
N LEU A 25 4.87 1.53 -4.60
CA LEU A 25 3.99 1.55 -5.76
C LEU A 25 4.34 2.70 -6.69
N PRO A 26 3.98 2.57 -7.97
CA PRO A 26 4.23 3.59 -8.98
C PRO A 26 3.39 4.85 -8.77
N CYS A 27 2.55 4.82 -7.74
CA CYS A 27 1.69 5.96 -7.44
C CYS A 27 2.30 6.82 -6.33
N GLY A 28 2.92 6.17 -5.35
CA GLY A 28 3.54 6.88 -4.26
C GLY A 28 3.12 6.34 -2.90
N HIS A 29 3.19 5.03 -2.75
CA HIS A 29 2.81 4.38 -1.48
C HIS A 29 3.69 3.17 -1.21
N LEU A 30 3.89 2.86 0.07
CA LEU A 30 4.71 1.72 0.47
C LEU A 30 3.83 0.54 0.87
N LEU A 31 4.19 -0.64 0.38
CA LEU A 31 3.45 -1.86 0.69
C LEU A 31 4.39 -3.04 0.91
N HIS A 32 3.87 -4.11 1.47
CA HIS A 32 4.65 -5.31 1.73
C HIS A 32 4.53 -6.30 0.57
N ARG A 33 5.60 -7.04 0.31
CA ARG A 33 5.61 -8.02 -0.77
C ARG A 33 4.39 -8.94 -0.67
N THR A 34 4.26 -9.63 0.45
CA THR A 34 3.15 -10.55 0.67
C THR A 34 1.82 -9.85 0.46
N CYS A 35 1.65 -8.69 1.09
CA CYS A 35 0.42 -7.91 0.96
C CYS A 35 0.10 -7.64 -0.51
N TYR A 36 1.05 -7.04 -1.21
CA TYR A 36 0.87 -6.71 -2.62
C TYR A 36 0.48 -7.96 -3.41
N GLU A 37 1.09 -9.09 -3.08
CA GLU A 37 0.81 -10.34 -3.76
C GLU A 37 -0.68 -10.69 -3.68
N GLU A 38 -1.31 -10.27 -2.58
CA GLU A 38 -2.73 -10.55 -2.38
C GLU A 38 -3.59 -9.60 -3.22
N MET A 39 -3.57 -8.32 -2.86
CA MET A 39 -4.35 -7.32 -3.59
C MET A 39 -4.16 -7.46 -5.09
N LEU A 40 -2.98 -7.93 -5.49
CA LEU A 40 -2.67 -8.12 -6.90
C LEU A 40 -3.71 -9.03 -7.57
N LYS A 41 -3.91 -10.21 -6.99
CA LYS A 41 -4.86 -11.17 -7.53
C LYS A 41 -6.30 -10.68 -7.33
N GLU A 42 -6.51 -9.91 -6.27
CA GLU A 42 -7.83 -9.37 -5.96
C GLU A 42 -8.39 -8.59 -7.15
N GLY A 43 -7.72 -7.50 -7.51
CA GLY A 43 -8.17 -6.69 -8.62
C GLY A 43 -7.79 -5.22 -8.45
N TYR A 44 -7.78 -4.75 -7.22
CA TYR A 44 -7.44 -3.36 -6.93
C TYR A 44 -5.94 -3.18 -6.84
N ARG A 45 -5.42 -2.16 -7.53
CA ARG A 45 -3.99 -1.89 -7.52
C ARG A 45 -3.60 -1.11 -6.27
N CYS A 46 -4.44 -0.15 -5.88
CA CYS A 46 -4.17 0.67 -4.71
C CYS A 46 -5.47 1.25 -4.15
N PRO A 47 -5.80 0.86 -2.91
CA PRO A 47 -7.02 1.32 -2.23
C PRO A 47 -6.94 2.80 -1.85
N LEU A 48 -5.73 3.31 -1.70
CA LEU A 48 -5.51 4.71 -1.34
C LEU A 48 -5.77 5.62 -2.54
N CYS A 49 -5.32 5.19 -3.71
CA CYS A 49 -5.51 5.97 -4.93
C CYS A 49 -6.87 5.70 -5.54
N SER A 50 -7.06 4.48 -6.04
CA SER A 50 -8.32 4.09 -6.67
C SER A 50 -9.47 4.13 -5.65
N GLY A 51 -10.61 4.64 -6.09
CA GLY A 51 -11.76 4.72 -5.21
C GLY A 51 -13.06 4.86 -5.97
N PRO A 52 -13.43 6.11 -6.32
CA PRO A 52 -14.66 6.39 -7.06
C PRO A 52 -14.60 5.90 -8.50
N SER A 53 -13.48 5.26 -8.86
CA SER A 53 -13.31 4.75 -10.20
C SER A 53 -14.50 3.90 -10.64
N SER A 54 -15.12 4.28 -11.75
CA SER A 54 -16.28 3.57 -12.27
C SER A 54 -15.87 2.59 -13.37
N GLY A 55 -16.66 1.53 -13.53
CA GLY A 55 -16.36 0.54 -14.55
C GLY A 55 -15.62 -0.66 -13.99
N GLY A 1 1.33 21.80 5.71
CA GLY A 1 1.19 20.36 5.55
C GLY A 1 2.30 19.75 4.72
N SER A 2 3.45 19.51 5.35
CA SER A 2 4.59 18.93 4.67
C SER A 2 4.58 17.41 4.76
N SER A 3 4.45 16.90 5.98
CA SER A 3 4.43 15.47 6.22
C SER A 3 3.19 15.05 7.00
N GLY A 4 2.66 13.88 6.69
CA GLY A 4 1.48 13.40 7.37
C GLY A 4 1.58 11.93 7.75
N SER A 5 0.58 11.15 7.36
CA SER A 5 0.56 9.72 7.65
C SER A 5 0.65 8.89 6.37
N SER A 6 1.19 7.69 6.49
CA SER A 6 1.35 6.80 5.36
C SER A 6 1.70 5.39 5.80
N GLY A 7 1.06 4.40 5.21
CA GLY A 7 1.31 3.02 5.56
C GLY A 7 0.68 2.04 4.58
N CYS A 8 0.56 0.78 5.00
CA CYS A 8 -0.03 -0.25 4.15
C CYS A 8 -1.53 -0.33 4.36
N PRO A 9 -2.30 0.11 3.35
CA PRO A 9 -3.76 0.09 3.40
C PRO A 9 -4.33 -1.32 3.34
N ILE A 10 -3.48 -2.28 2.98
CA ILE A 10 -3.90 -3.67 2.90
C ILE A 10 -4.03 -4.30 4.28
N CYS A 11 -2.95 -4.25 5.05
CA CYS A 11 -2.95 -4.81 6.40
C CYS A 11 -3.18 -3.72 7.45
N LEU A 12 -3.00 -2.48 7.04
CA LEU A 12 -3.19 -1.34 7.93
C LEU A 12 -2.20 -1.39 9.09
N GLU A 13 -0.93 -1.62 8.76
CA GLU A 13 0.12 -1.69 9.78
C GLU A 13 1.40 -1.02 9.29
N ASP A 14 2.00 -0.20 10.15
CA ASP A 14 3.23 0.50 9.81
C ASP A 14 4.15 -0.39 8.98
N ILE A 15 4.93 0.24 8.10
CA ILE A 15 5.86 -0.49 7.24
C ILE A 15 7.30 -0.18 7.61
N HIS A 16 8.10 -1.23 7.77
CA HIS A 16 9.51 -1.07 8.11
C HIS A 16 10.38 -1.03 6.86
N THR A 17 11.68 -0.88 7.05
CA THR A 17 12.62 -0.83 5.93
C THR A 17 13.72 -1.87 6.08
N SER A 18 14.39 -1.85 7.23
CA SER A 18 15.47 -2.79 7.50
C SER A 18 14.91 -4.20 7.72
N ARG A 19 13.86 -4.29 8.52
CA ARG A 19 13.24 -5.58 8.82
C ARG A 19 12.53 -6.13 7.59
N VAL A 20 11.49 -5.43 7.15
CA VAL A 20 10.72 -5.85 5.98
C VAL A 20 10.93 -4.90 4.81
N VAL A 21 10.97 -5.46 3.60
CA VAL A 21 11.17 -4.66 2.40
C VAL A 21 9.94 -3.80 2.10
N ALA A 22 10.16 -2.68 1.42
CA ALA A 22 9.08 -1.79 1.06
C ALA A 22 8.94 -1.66 -0.45
N HIS A 23 7.74 -1.97 -0.96
CA HIS A 23 7.48 -1.90 -2.39
C HIS A 23 6.81 -0.58 -2.76
N VAL A 24 7.63 0.43 -3.05
CA VAL A 24 7.11 1.75 -3.41
C VAL A 24 6.43 1.71 -4.78
N LEU A 25 5.12 1.93 -4.78
CA LEU A 25 4.35 1.93 -6.02
C LEU A 25 4.70 3.15 -6.88
N PRO A 26 4.44 3.03 -8.19
CA PRO A 26 4.71 4.11 -9.14
C PRO A 26 3.77 5.30 -8.96
N CYS A 27 2.90 5.21 -7.96
CA CYS A 27 1.95 6.27 -7.68
C CYS A 27 2.42 7.13 -6.50
N GLY A 28 3.04 6.48 -5.52
CA GLY A 28 3.53 7.20 -4.36
C GLY A 28 2.99 6.63 -3.06
N HIS A 29 3.23 5.34 -2.84
CA HIS A 29 2.77 4.68 -1.63
C HIS A 29 3.63 3.46 -1.31
N LEU A 30 3.79 3.16 -0.02
CA LEU A 30 4.59 2.02 0.41
C LEU A 30 3.71 0.82 0.70
N LEU A 31 4.18 -0.36 0.30
CA LEU A 31 3.42 -1.59 0.53
C LEU A 31 4.36 -2.73 0.90
N HIS A 32 3.79 -3.84 1.36
CA HIS A 32 4.58 -5.00 1.75
C HIS A 32 4.70 -5.99 0.59
N ARG A 33 5.78 -6.75 0.59
CA ARG A 33 6.02 -7.73 -0.47
C ARG A 33 4.98 -8.85 -0.42
N THR A 34 4.52 -9.17 0.78
CA THR A 34 3.53 -10.22 0.98
C THR A 34 2.12 -9.69 0.74
N CYS A 35 1.95 -8.38 0.88
CA CYS A 35 0.66 -7.74 0.67
C CYS A 35 0.42 -7.44 -0.80
N TYR A 36 1.44 -6.88 -1.46
CA TYR A 36 1.34 -6.52 -2.86
C TYR A 36 1.01 -7.75 -3.71
N GLU A 37 1.39 -8.93 -3.21
CA GLU A 37 1.15 -10.18 -3.92
C GLU A 37 -0.32 -10.59 -3.79
N GLU A 38 -0.94 -10.20 -2.68
CA GLU A 38 -2.34 -10.54 -2.43
C GLU A 38 -3.26 -9.62 -3.22
N MET A 39 -3.13 -8.31 -2.98
CA MET A 39 -3.96 -7.33 -3.67
C MET A 39 -3.96 -7.58 -5.17
N LEU A 40 -2.82 -8.00 -5.71
CA LEU A 40 -2.69 -8.26 -7.14
C LEU A 40 -3.66 -9.36 -7.56
N LYS A 41 -3.68 -10.45 -6.80
CA LYS A 41 -4.56 -11.58 -7.10
C LYS A 41 -6.03 -11.19 -6.93
N GLU A 42 -6.34 -10.55 -5.80
CA GLU A 42 -7.70 -10.12 -5.53
C GLU A 42 -8.23 -9.25 -6.66
N GLY A 43 -7.45 -8.25 -7.05
CA GLY A 43 -7.85 -7.36 -8.12
C GLY A 43 -7.83 -5.91 -7.70
N TYR A 44 -8.20 -5.64 -6.45
CA TYR A 44 -8.22 -4.28 -5.93
C TYR A 44 -6.82 -3.66 -5.96
N ARG A 45 -6.72 -2.46 -6.51
CA ARG A 45 -5.45 -1.77 -6.61
C ARG A 45 -5.33 -0.72 -5.51
N CYS A 46 -4.20 0.01 -5.51
CA CYS A 46 -3.96 1.03 -4.51
C CYS A 46 -5.26 1.72 -4.09
N PRO A 47 -5.83 1.26 -2.98
CA PRO A 47 -7.09 1.80 -2.45
C PRO A 47 -6.91 3.21 -1.89
N LEU A 48 -5.70 3.73 -2.00
CA LEU A 48 -5.40 5.08 -1.50
C LEU A 48 -5.60 6.11 -2.60
N CYS A 49 -5.08 5.82 -3.79
CA CYS A 49 -5.21 6.72 -4.92
C CYS A 49 -6.64 6.76 -5.45
N SER A 50 -7.11 5.60 -5.91
CA SER A 50 -8.47 5.49 -6.45
C SER A 50 -9.50 5.79 -5.36
N GLY A 51 -10.76 5.93 -5.78
CA GLY A 51 -11.82 6.22 -4.84
C GLY A 51 -11.92 5.18 -3.74
N PRO A 52 -11.78 5.62 -2.48
CA PRO A 52 -11.85 4.74 -1.32
C PRO A 52 -13.26 4.21 -1.07
N SER A 53 -13.38 3.28 -0.12
CA SER A 53 -14.67 2.68 0.20
C SER A 53 -15.62 3.72 0.78
N SER A 54 -16.88 3.35 0.92
CA SER A 54 -17.90 4.25 1.47
C SER A 54 -17.36 5.00 2.68
N GLY A 55 -16.81 4.24 3.64
CA GLY A 55 -16.28 4.86 4.84
C GLY A 55 -15.10 4.08 5.40
N GLY A 1 -5.34 18.06 17.18
CA GLY A 1 -5.77 16.92 16.38
C GLY A 1 -4.61 16.20 15.74
N SER A 2 -4.35 14.97 16.18
CA SER A 2 -3.26 14.17 15.64
C SER A 2 -3.54 13.77 14.19
N SER A 3 -2.52 13.24 13.52
CA SER A 3 -2.66 12.82 12.14
C SER A 3 -3.37 11.46 12.06
N GLY A 4 -2.79 10.45 12.69
CA GLY A 4 -3.37 9.12 12.68
C GLY A 4 -2.36 8.05 12.33
N SER A 5 -2.80 6.80 12.38
CA SER A 5 -1.93 5.67 12.06
C SER A 5 -1.55 5.67 10.59
N SER A 6 -0.28 5.95 10.31
CA SER A 6 0.20 5.98 8.93
C SER A 6 1.04 4.75 8.63
N GLY A 7 0.55 3.90 7.72
CA GLY A 7 1.27 2.70 7.35
C GLY A 7 0.62 1.97 6.20
N CYS A 8 0.87 0.66 6.11
CA CYS A 8 0.30 -0.16 5.05
C CYS A 8 -1.23 -0.15 5.10
N PRO A 9 -1.86 0.32 4.03
CA PRO A 9 -3.32 0.40 3.93
C PRO A 9 -3.96 -0.98 3.82
N ILE A 10 -3.13 -2.02 3.91
CA ILE A 10 -3.62 -3.39 3.82
C ILE A 10 -3.70 -4.04 5.20
N CYS A 11 -2.55 -4.20 5.83
CA CYS A 11 -2.49 -4.80 7.17
C CYS A 11 -2.54 -3.73 8.25
N LEU A 12 -2.15 -2.51 7.89
CA LEU A 12 -2.16 -1.40 8.84
C LEU A 12 -1.10 -1.60 9.92
N GLU A 13 0.08 -2.03 9.51
CA GLU A 13 1.18 -2.25 10.45
C GLU A 13 2.38 -1.37 10.12
N ASP A 14 2.89 -0.67 11.11
CA ASP A 14 4.03 0.21 10.92
C ASP A 14 5.06 -0.44 10.00
N ILE A 15 5.23 0.14 8.81
CA ILE A 15 6.18 -0.38 7.84
C ILE A 15 7.60 0.08 8.17
N HIS A 16 8.21 -0.56 9.16
CA HIS A 16 9.56 -0.21 9.57
C HIS A 16 10.50 -0.18 8.37
N THR A 17 11.43 0.76 8.36
CA THR A 17 12.39 0.90 7.27
C THR A 17 13.60 0.02 7.50
N SER A 18 14.11 -0.58 6.42
CA SER A 18 15.27 -1.46 6.50
C SER A 18 14.96 -2.70 7.32
N ARG A 19 13.70 -3.13 7.28
CA ARG A 19 13.26 -4.31 8.01
C ARG A 19 12.65 -5.35 7.07
N VAL A 20 11.65 -4.94 6.31
CA VAL A 20 10.98 -5.83 5.36
C VAL A 20 10.83 -5.17 4.00
N VAL A 21 11.00 -5.96 2.94
CA VAL A 21 10.88 -5.46 1.58
C VAL A 21 9.60 -4.66 1.41
N ALA A 22 9.72 -3.48 0.79
CA ALA A 22 8.56 -2.62 0.56
C ALA A 22 8.39 -2.32 -0.92
N HIS A 23 7.33 -2.87 -1.51
CA HIS A 23 7.06 -2.66 -2.93
C HIS A 23 6.52 -1.26 -3.18
N VAL A 24 7.42 -0.29 -3.26
CA VAL A 24 7.05 1.10 -3.49
C VAL A 24 6.32 1.25 -4.82
N LEU A 25 4.99 1.42 -4.75
CA LEU A 25 4.18 1.58 -5.95
C LEU A 25 4.62 2.79 -6.76
N PRO A 26 4.32 2.78 -8.06
CA PRO A 26 4.67 3.88 -8.97
C PRO A 26 3.86 5.14 -8.69
N CYS A 27 3.01 5.08 -7.68
CA CYS A 27 2.18 6.22 -7.30
C CYS A 27 2.83 7.03 -6.18
N GLY A 28 3.41 6.32 -5.21
CA GLY A 28 4.05 6.98 -4.09
C GLY A 28 3.63 6.40 -2.76
N HIS A 29 3.45 5.09 -2.70
CA HIS A 29 3.02 4.42 -1.48
C HIS A 29 3.84 3.15 -1.25
N LEU A 30 3.94 2.74 0.01
CA LEU A 30 4.69 1.53 0.36
C LEU A 30 3.75 0.38 0.66
N LEU A 31 4.08 -0.81 0.16
CA LEU A 31 3.27 -2.00 0.38
C LEU A 31 4.15 -3.22 0.62
N HIS A 32 3.74 -4.06 1.55
CA HIS A 32 4.49 -5.28 1.86
C HIS A 32 4.45 -6.26 0.70
N ARG A 33 5.49 -7.06 0.57
CA ARG A 33 5.59 -8.05 -0.50
C ARG A 33 4.36 -8.96 -0.50
N THR A 34 3.98 -9.43 0.69
CA THR A 34 2.82 -10.31 0.82
C THR A 34 1.52 -9.56 0.55
N CYS A 35 1.36 -8.41 1.19
CA CYS A 35 0.17 -7.60 1.02
C CYS A 35 -0.04 -7.24 -0.45
N TYR A 36 1.06 -6.98 -1.15
CA TYR A 36 1.01 -6.63 -2.56
C TYR A 36 0.75 -7.85 -3.43
N GLU A 37 1.34 -8.98 -3.03
CA GLU A 37 1.17 -10.23 -3.77
C GLU A 37 -0.30 -10.65 -3.82
N GLU A 38 -1.06 -10.21 -2.83
CA GLU A 38 -2.48 -10.54 -2.75
C GLU A 38 -3.29 -9.64 -3.68
N MET A 39 -3.40 -8.36 -3.32
CA MET A 39 -4.15 -7.40 -4.12
C MET A 39 -3.88 -7.60 -5.60
N LEU A 40 -2.63 -7.94 -5.94
CA LEU A 40 -2.25 -8.16 -7.33
C LEU A 40 -3.20 -9.15 -8.01
N LYS A 41 -3.32 -10.34 -7.42
CA LYS A 41 -4.20 -11.37 -7.96
C LYS A 41 -5.66 -11.03 -7.70
N GLU A 42 -5.96 -10.62 -6.48
CA GLU A 42 -7.33 -10.26 -6.10
C GLU A 42 -7.95 -9.35 -7.15
N GLY A 43 -7.50 -8.10 -7.19
CA GLY A 43 -8.03 -7.15 -8.15
C GLY A 43 -7.88 -5.72 -7.68
N TYR A 44 -8.44 -5.42 -6.51
CA TYR A 44 -8.37 -4.07 -5.95
C TYR A 44 -6.95 -3.54 -5.97
N ARG A 45 -6.78 -2.31 -6.45
CA ARG A 45 -5.46 -1.69 -6.52
C ARG A 45 -5.27 -0.70 -5.38
N CYS A 46 -4.14 0.01 -5.40
CA CYS A 46 -3.84 1.00 -4.38
C CYS A 46 -5.10 1.70 -3.89
N PRO A 47 -5.58 1.31 -2.70
CA PRO A 47 -6.78 1.90 -2.11
C PRO A 47 -6.57 3.34 -1.67
N LEU A 48 -5.33 3.81 -1.75
CA LEU A 48 -5.00 5.17 -1.36
C LEU A 48 -5.11 6.12 -2.55
N CYS A 49 -4.85 5.59 -3.74
CA CYS A 49 -4.91 6.39 -4.96
C CYS A 49 -6.22 6.15 -5.70
N SER A 50 -7.08 7.15 -5.71
CA SER A 50 -8.37 7.05 -6.39
C SER A 50 -8.60 8.24 -7.32
N GLY A 51 -8.54 9.45 -6.77
CA GLY A 51 -8.74 10.64 -7.56
C GLY A 51 -7.48 11.06 -8.30
N PRO A 52 -6.57 11.73 -7.58
CA PRO A 52 -5.30 12.21 -8.15
C PRO A 52 -4.35 11.06 -8.48
N SER A 53 -4.81 9.84 -8.26
CA SER A 53 -4.00 8.66 -8.53
C SER A 53 -3.07 8.90 -9.72
N SER A 54 -1.80 8.57 -9.54
CA SER A 54 -0.80 8.76 -10.59
C SER A 54 -0.45 7.42 -11.24
N GLY A 55 0.49 7.46 -12.18
CA GLY A 55 0.90 6.24 -12.87
C GLY A 55 1.07 6.45 -14.36
N GLY A 1 2.96 14.30 19.15
CA GLY A 1 2.57 13.48 18.02
C GLY A 1 1.90 14.28 16.93
N SER A 2 2.71 14.90 16.07
CA SER A 2 2.17 15.71 14.97
C SER A 2 1.69 14.83 13.83
N SER A 3 2.51 13.85 13.45
CA SER A 3 2.18 12.94 12.37
C SER A 3 0.76 12.39 12.54
N GLY A 4 0.24 11.77 11.48
CA GLY A 4 -1.10 11.21 11.54
C GLY A 4 -1.12 9.72 11.25
N SER A 5 -2.32 9.18 11.06
CA SER A 5 -2.47 7.75 10.79
C SER A 5 -2.00 7.41 9.38
N SER A 6 -0.95 6.62 9.28
CA SER A 6 -0.39 6.23 7.99
C SER A 6 0.22 4.83 8.06
N GLY A 7 0.38 4.20 6.90
CA GLY A 7 0.94 2.87 6.85
C GLY A 7 0.38 2.04 5.71
N CYS A 8 0.38 0.72 5.88
CA CYS A 8 -0.14 -0.19 4.87
C CYS A 8 -1.66 -0.25 4.92
N PRO A 9 -2.32 0.18 3.84
CA PRO A 9 -3.78 0.19 3.74
C PRO A 9 -4.35 -1.22 3.63
N ILE A 10 -3.47 -2.22 3.73
CA ILE A 10 -3.89 -3.62 3.64
C ILE A 10 -4.01 -4.24 5.02
N CYS A 11 -2.91 -4.25 5.76
CA CYS A 11 -2.89 -4.82 7.11
C CYS A 11 -2.95 -3.71 8.17
N LEU A 12 -2.70 -2.48 7.74
CA LEU A 12 -2.72 -1.34 8.65
C LEU A 12 -1.66 -1.49 9.73
N GLU A 13 -0.42 -1.77 9.31
CA GLU A 13 0.68 -1.93 10.24
C GLU A 13 1.88 -1.09 9.82
N ASP A 14 2.65 -0.63 10.80
CA ASP A 14 3.82 0.19 10.53
C ASP A 14 4.74 -0.49 9.52
N ILE A 15 5.12 0.25 8.48
CA ILE A 15 5.99 -0.28 7.44
C ILE A 15 7.42 0.25 7.60
N HIS A 16 8.40 -0.61 7.35
CA HIS A 16 9.80 -0.23 7.46
C HIS A 16 10.65 -1.00 6.46
N THR A 17 11.15 -0.31 5.45
CA THR A 17 11.98 -0.92 4.42
C THR A 17 13.06 -1.80 5.05
N SER A 18 13.82 -1.23 5.97
CA SER A 18 14.88 -1.96 6.64
C SER A 18 14.33 -3.21 7.33
N ARG A 19 13.20 -3.05 8.00
CA ARG A 19 12.57 -4.17 8.71
C ARG A 19 12.21 -5.28 7.74
N VAL A 20 11.29 -5.00 6.83
CA VAL A 20 10.85 -5.98 5.84
C VAL A 20 10.76 -5.36 4.45
N VAL A 21 11.21 -6.12 3.44
CA VAL A 21 11.17 -5.64 2.06
C VAL A 21 9.84 -4.96 1.75
N ALA A 22 9.91 -3.69 1.37
CA ALA A 22 8.71 -2.92 1.05
C ALA A 22 8.63 -2.65 -0.45
N HIS A 23 7.44 -2.87 -1.02
CA HIS A 23 7.23 -2.65 -2.44
C HIS A 23 6.66 -1.27 -2.71
N VAL A 24 7.48 -0.37 -3.25
CA VAL A 24 7.06 0.99 -3.54
C VAL A 24 6.23 1.04 -4.82
N LEU A 25 5.15 1.80 -4.79
CA LEU A 25 4.27 1.93 -5.95
C LEU A 25 4.57 3.22 -6.71
N PRO A 26 4.19 3.26 -7.99
CA PRO A 26 4.39 4.42 -8.85
C PRO A 26 3.52 5.61 -8.45
N CYS A 27 2.75 5.43 -7.38
CA CYS A 27 1.86 6.49 -6.89
C CYS A 27 2.51 7.25 -5.74
N GLY A 28 3.29 6.54 -4.93
CA GLY A 28 3.96 7.17 -3.81
C GLY A 28 3.52 6.59 -2.48
N HIS A 29 3.33 5.27 -2.45
CA HIS A 29 2.91 4.59 -1.22
C HIS A 29 3.72 3.31 -1.01
N LEU A 30 3.85 2.91 0.25
CA LEU A 30 4.59 1.70 0.60
C LEU A 30 3.64 0.54 0.89
N LEU A 31 4.01 -0.66 0.43
CA LEU A 31 3.19 -1.84 0.65
C LEU A 31 4.07 -3.06 0.94
N HIS A 32 3.70 -3.80 1.97
CA HIS A 32 4.45 -4.99 2.36
C HIS A 32 4.58 -5.96 1.19
N ARG A 33 5.82 -6.23 0.77
CA ARG A 33 6.07 -7.13 -0.34
C ARG A 33 5.04 -8.26 -0.37
N THR A 34 4.63 -8.70 0.82
CA THR A 34 3.65 -9.79 0.93
C THR A 34 2.24 -9.28 0.61
N CYS A 35 1.85 -8.17 1.23
CA CYS A 35 0.54 -7.59 1.01
C CYS A 35 0.33 -7.26 -0.47
N TYR A 36 1.36 -6.71 -1.09
CA TYR A 36 1.29 -6.34 -2.51
C TYR A 36 0.91 -7.55 -3.36
N GLU A 37 1.36 -8.73 -2.94
CA GLU A 37 1.07 -9.96 -3.67
C GLU A 37 -0.42 -10.29 -3.60
N GLU A 38 -1.00 -10.12 -2.42
CA GLU A 38 -2.42 -10.41 -2.22
C GLU A 38 -3.29 -9.47 -3.06
N MET A 39 -3.26 -8.19 -2.73
CA MET A 39 -4.05 -7.20 -3.47
C MET A 39 -4.06 -7.51 -4.96
N LEU A 40 -2.98 -8.12 -5.45
CA LEU A 40 -2.87 -8.47 -6.85
C LEU A 40 -3.79 -9.64 -7.19
N LYS A 41 -3.82 -10.64 -6.33
CA LYS A 41 -4.67 -11.81 -6.54
C LYS A 41 -6.07 -11.41 -6.93
N GLU A 42 -6.73 -10.64 -6.06
CA GLU A 42 -8.09 -10.18 -6.33
C GLU A 42 -8.15 -9.37 -7.62
N GLY A 43 -7.47 -8.23 -7.62
CA GLY A 43 -7.46 -7.37 -8.79
C GLY A 43 -7.79 -5.93 -8.46
N TYR A 44 -7.11 -5.37 -7.47
CA TYR A 44 -7.35 -4.00 -7.06
C TYR A 44 -6.05 -3.28 -6.77
N ARG A 45 -5.84 -2.13 -7.40
CA ARG A 45 -4.63 -1.35 -7.21
C ARG A 45 -4.69 -0.57 -5.89
N CYS A 46 -3.66 0.23 -5.64
CA CYS A 46 -3.59 1.03 -4.43
C CYS A 46 -4.98 1.54 -4.02
N PRO A 47 -5.51 1.00 -2.92
CA PRO A 47 -6.83 1.38 -2.40
C PRO A 47 -6.84 2.80 -1.84
N LEU A 48 -5.67 3.30 -1.48
CA LEU A 48 -5.54 4.64 -0.93
C LEU A 48 -5.80 5.70 -2.00
N CYS A 49 -5.21 5.49 -3.18
CA CYS A 49 -5.38 6.42 -4.29
C CYS A 49 -6.73 6.20 -4.99
N SER A 50 -7.78 6.79 -4.41
CA SER A 50 -9.11 6.66 -4.98
C SER A 50 -9.46 7.86 -5.86
N GLY A 51 -10.43 7.68 -6.75
CA GLY A 51 -10.84 8.75 -7.63
C GLY A 51 -12.25 8.58 -8.14
N PRO A 52 -12.38 8.20 -9.42
CA PRO A 52 -13.69 8.00 -10.06
C PRO A 52 -14.40 6.76 -9.53
N SER A 53 -13.63 5.78 -9.08
CA SER A 53 -14.19 4.54 -8.55
C SER A 53 -15.42 4.83 -7.69
N SER A 54 -16.31 3.86 -7.60
CA SER A 54 -17.54 4.00 -6.81
C SER A 54 -17.60 2.93 -5.71
N GLY A 55 -17.30 1.69 -6.08
CA GLY A 55 -17.33 0.60 -5.12
C GLY A 55 -18.60 -0.20 -5.22
N GLY A 1 -1.81 8.53 17.22
CA GLY A 1 -2.51 8.96 16.03
C GLY A 1 -1.66 8.89 14.79
N SER A 2 -2.30 8.80 13.64
CA SER A 2 -1.59 8.73 12.36
C SER A 2 -1.66 10.06 11.62
N SER A 3 -0.72 10.95 11.93
CA SER A 3 -0.68 12.26 11.28
C SER A 3 0.74 12.59 10.83
N GLY A 4 0.97 12.48 9.53
CA GLY A 4 2.29 12.77 8.98
C GLY A 4 2.98 11.54 8.44
N SER A 5 2.91 10.44 9.20
CA SER A 5 3.55 9.20 8.80
C SER A 5 2.50 8.12 8.54
N SER A 6 2.16 7.92 7.27
CA SER A 6 1.17 6.92 6.89
C SER A 6 1.79 5.52 6.85
N GLY A 7 0.94 4.51 6.98
CA GLY A 7 1.42 3.14 6.95
C GLY A 7 0.84 2.34 5.81
N CYS A 8 0.76 1.03 5.99
CA CYS A 8 0.23 0.14 4.95
C CYS A 8 -1.30 0.07 5.04
N PRO A 9 -1.98 0.55 3.98
CA PRO A 9 -3.44 0.55 3.91
C PRO A 9 -4.00 -0.86 3.77
N ILE A 10 -3.12 -1.86 3.68
CA ILE A 10 -3.53 -3.24 3.53
C ILE A 10 -3.68 -3.91 4.89
N CYS A 11 -2.59 -4.00 5.63
CA CYS A 11 -2.59 -4.63 6.94
C CYS A 11 -2.79 -3.57 8.04
N LEU A 12 -2.50 -2.33 7.71
CA LEU A 12 -2.65 -1.23 8.66
C LEU A 12 -1.68 -1.38 9.83
N GLU A 13 -0.43 -1.68 9.51
CA GLU A 13 0.60 -1.85 10.54
C GLU A 13 1.90 -1.17 10.13
N ASP A 14 2.53 -0.49 11.09
CA ASP A 14 3.79 0.21 10.82
C ASP A 14 4.63 -0.57 9.82
N ILE A 15 5.23 0.15 8.87
CA ILE A 15 6.07 -0.48 7.86
C ILE A 15 7.54 -0.23 8.14
N HIS A 16 8.38 -1.23 7.86
CA HIS A 16 9.82 -1.12 8.07
C HIS A 16 10.57 -1.17 6.75
N THR A 17 11.84 -0.79 6.79
CA THR A 17 12.68 -0.80 5.60
C THR A 17 13.76 -1.87 5.68
N SER A 18 14.38 -1.98 6.86
CA SER A 18 15.43 -2.96 7.08
C SER A 18 14.84 -4.35 7.33
N ARG A 19 14.11 -4.48 8.43
CA ARG A 19 13.48 -5.74 8.79
C ARG A 19 12.70 -6.33 7.61
N VAL A 20 11.81 -5.52 7.05
CA VAL A 20 11.00 -5.95 5.92
C VAL A 20 11.23 -5.06 4.70
N VAL A 21 11.01 -5.61 3.52
CA VAL A 21 11.18 -4.86 2.28
C VAL A 21 9.93 -4.05 1.94
N ALA A 22 10.12 -2.88 1.36
CA ALA A 22 9.00 -2.02 0.97
C ALA A 22 8.83 -1.98 -0.54
N HIS A 23 7.58 -1.97 -0.98
CA HIS A 23 7.28 -1.94 -2.41
C HIS A 23 6.58 -0.63 -2.78
N VAL A 24 7.38 0.38 -3.12
CA VAL A 24 6.85 1.68 -3.50
C VAL A 24 6.03 1.58 -4.78
N LEU A 25 4.72 1.81 -4.66
CA LEU A 25 3.82 1.74 -5.81
C LEU A 25 4.13 2.86 -6.80
N PRO A 26 3.70 2.67 -8.06
CA PRO A 26 3.91 3.65 -9.13
C PRO A 26 3.09 4.92 -8.92
N CYS A 27 2.19 4.88 -7.94
CA CYS A 27 1.33 6.02 -7.65
C CYS A 27 1.97 6.93 -6.60
N GLY A 28 2.61 6.32 -5.60
CA GLY A 28 3.26 7.09 -4.56
C GLY A 28 2.86 6.62 -3.18
N HIS A 29 2.82 5.31 -2.98
CA HIS A 29 2.46 4.73 -1.69
C HIS A 29 3.31 3.51 -1.39
N LEU A 30 3.68 3.35 -0.12
CA LEU A 30 4.50 2.22 0.30
C LEU A 30 3.63 1.03 0.67
N LEU A 31 4.10 -0.17 0.35
CA LEU A 31 3.37 -1.39 0.65
C LEU A 31 4.31 -2.50 1.11
N HIS A 32 3.74 -3.64 1.49
CA HIS A 32 4.53 -4.77 1.94
C HIS A 32 4.70 -5.80 0.83
N ARG A 33 5.79 -6.57 0.89
CA ARG A 33 6.07 -7.58 -0.12
C ARG A 33 4.94 -8.61 -0.17
N THR A 34 4.45 -9.00 1.00
CA THR A 34 3.37 -9.98 1.09
C THR A 34 2.03 -9.35 0.74
N CYS A 35 1.75 -8.19 1.32
CA CYS A 35 0.49 -7.49 1.08
C CYS A 35 0.30 -7.21 -0.41
N TYR A 36 1.41 -6.89 -1.09
CA TYR A 36 1.36 -6.61 -2.52
C TYR A 36 1.06 -7.87 -3.31
N GLU A 37 1.44 -9.02 -2.77
CA GLU A 37 1.21 -10.29 -3.43
C GLU A 37 -0.26 -10.69 -3.36
N GLU A 38 -0.93 -10.25 -2.29
CA GLU A 38 -2.35 -10.56 -2.10
C GLU A 38 -3.21 -9.70 -3.01
N MET A 39 -3.06 -8.38 -2.89
CA MET A 39 -3.84 -7.45 -3.70
C MET A 39 -3.77 -7.83 -5.17
N LEU A 40 -2.58 -8.22 -5.62
CA LEU A 40 -2.38 -8.61 -7.01
C LEU A 40 -3.49 -9.54 -7.48
N LYS A 41 -3.85 -10.51 -6.63
CA LYS A 41 -4.89 -11.46 -6.96
C LYS A 41 -6.26 -10.79 -6.99
N GLU A 42 -6.60 -10.09 -5.91
CA GLU A 42 -7.89 -9.40 -5.82
C GLU A 42 -8.14 -8.59 -7.08
N GLY A 43 -7.28 -7.62 -7.35
CA GLY A 43 -7.43 -6.78 -8.52
C GLY A 43 -7.07 -5.33 -8.25
N TYR A 44 -7.63 -4.77 -7.18
CA TYR A 44 -7.36 -3.38 -6.82
C TYR A 44 -5.87 -3.10 -6.82
N ARG A 45 -5.46 -2.05 -7.53
CA ARG A 45 -4.06 -1.67 -7.60
C ARG A 45 -3.66 -0.82 -6.40
N CYS A 46 -4.62 -0.08 -5.86
CA CYS A 46 -4.36 0.77 -4.70
C CYS A 46 -5.66 1.36 -4.17
N PRO A 47 -6.01 1.03 -2.92
CA PRO A 47 -7.23 1.51 -2.27
C PRO A 47 -7.14 3.01 -1.95
N LEU A 48 -5.94 3.55 -1.98
CA LEU A 48 -5.72 4.97 -1.70
C LEU A 48 -6.04 5.82 -2.92
N CYS A 49 -5.56 5.39 -4.08
CA CYS A 49 -5.80 6.13 -5.32
C CYS A 49 -7.06 5.63 -6.01
N SER A 50 -8.21 6.12 -5.56
CA SER A 50 -9.49 5.73 -6.14
C SER A 50 -10.40 6.94 -6.33
N GLY A 51 -10.55 7.37 -7.58
CA GLY A 51 -11.39 8.51 -7.87
C GLY A 51 -10.81 9.40 -8.95
N PRO A 52 -10.19 10.51 -8.54
CA PRO A 52 -9.57 11.46 -9.46
C PRO A 52 -8.33 10.91 -10.13
N SER A 53 -8.01 9.65 -9.84
CA SER A 53 -6.84 8.99 -10.41
C SER A 53 -7.10 8.59 -11.86
N SER A 54 -6.19 8.99 -12.75
CA SER A 54 -6.31 8.68 -14.17
C SER A 54 -4.98 8.23 -14.74
N GLY A 55 -5.04 7.46 -15.83
CA GLY A 55 -3.83 6.97 -16.46
C GLY A 55 -3.69 5.47 -16.35
N GLY A 1 -7.18 17.86 5.04
CA GLY A 1 -7.42 16.43 5.09
C GLY A 1 -7.55 15.90 6.50
N SER A 2 -6.67 14.98 6.87
CA SER A 2 -6.69 14.39 8.20
C SER A 2 -5.42 13.58 8.46
N SER A 3 -5.25 13.14 9.70
CA SER A 3 -4.09 12.35 10.07
C SER A 3 -4.51 11.02 10.72
N GLY A 4 -5.53 10.39 10.15
CA GLY A 4 -6.01 9.14 10.68
C GLY A 4 -4.89 8.14 10.93
N SER A 5 -4.60 7.31 9.93
CA SER A 5 -3.56 6.31 10.04
C SER A 5 -2.98 5.96 8.67
N SER A 6 -1.65 5.99 8.57
CA SER A 6 -0.97 5.69 7.31
C SER A 6 -0.30 4.32 7.37
N GLY A 7 0.24 3.88 6.24
CA GLY A 7 0.90 2.59 6.19
C GLY A 7 0.28 1.66 5.17
N CYS A 8 0.37 0.36 5.42
CA CYS A 8 -0.19 -0.64 4.52
C CYS A 8 -1.70 -0.71 4.66
N PRO A 9 -2.41 -0.30 3.60
CA PRO A 9 -3.88 -0.31 3.58
C PRO A 9 -4.45 -1.72 3.54
N ILE A 10 -3.57 -2.71 3.48
CA ILE A 10 -4.00 -4.10 3.43
C ILE A 10 -4.01 -4.71 4.83
N CYS A 11 -2.88 -4.64 5.52
CA CYS A 11 -2.77 -5.19 6.86
C CYS A 11 -2.95 -4.09 7.92
N LEU A 12 -2.68 -2.86 7.51
CA LEU A 12 -2.81 -1.72 8.41
C LEU A 12 -1.76 -1.77 9.51
N GLU A 13 -0.52 -2.04 9.13
CA GLU A 13 0.58 -2.13 10.09
C GLU A 13 1.78 -1.33 9.61
N ASP A 14 2.37 -0.54 10.51
CA ASP A 14 3.53 0.27 10.18
C ASP A 14 4.51 -0.51 9.30
N ILE A 15 5.06 0.17 8.30
CA ILE A 15 6.01 -0.46 7.39
C ILE A 15 7.45 -0.06 7.73
N HIS A 16 8.31 -1.06 7.91
CA HIS A 16 9.71 -0.82 8.23
C HIS A 16 10.61 -1.23 7.07
N THR A 17 10.83 -0.31 6.14
CA THR A 17 11.68 -0.58 4.99
C THR A 17 13.07 -1.03 5.42
N SER A 18 13.41 -0.75 6.67
CA SER A 18 14.72 -1.13 7.20
C SER A 18 14.78 -2.63 7.49
N ARG A 19 13.69 -3.16 8.02
CA ARG A 19 13.62 -4.58 8.34
C ARG A 19 12.93 -5.36 7.23
N VAL A 20 11.64 -5.11 7.05
CA VAL A 20 10.87 -5.79 6.01
C VAL A 20 10.79 -4.94 4.74
N VAL A 21 11.20 -5.52 3.62
CA VAL A 21 11.18 -4.82 2.34
C VAL A 21 9.88 -4.05 2.17
N ALA A 22 9.95 -2.96 1.41
CA ALA A 22 8.77 -2.13 1.16
C ALA A 22 8.61 -1.84 -0.33
N HIS A 23 7.57 -2.39 -0.93
CA HIS A 23 7.30 -2.19 -2.35
C HIS A 23 6.71 -0.80 -2.60
N VAL A 24 7.51 0.06 -3.22
CA VAL A 24 7.07 1.42 -3.53
C VAL A 24 6.22 1.46 -4.79
N LEU A 25 4.91 1.61 -4.62
CA LEU A 25 3.99 1.66 -5.74
C LEU A 25 4.36 2.79 -6.71
N PRO A 26 3.94 2.64 -7.98
CA PRO A 26 4.21 3.64 -9.01
C PRO A 26 3.43 4.93 -8.80
N CYS A 27 2.67 4.99 -7.70
CA CYS A 27 1.87 6.16 -7.39
C CYS A 27 2.50 6.94 -6.23
N GLY A 28 3.12 6.22 -5.31
CA GLY A 28 3.75 6.86 -4.17
C GLY A 28 3.28 6.29 -2.84
N HIS A 29 3.36 4.98 -2.71
CA HIS A 29 2.94 4.31 -1.48
C HIS A 29 3.83 3.11 -1.18
N LEU A 30 3.78 2.64 0.06
CA LEU A 30 4.59 1.50 0.48
C LEU A 30 3.71 0.30 0.82
N LEU A 31 4.15 -0.88 0.40
CA LEU A 31 3.39 -2.11 0.66
C LEU A 31 4.33 -3.25 1.06
N HIS A 32 3.75 -4.35 1.50
CA HIS A 32 4.52 -5.52 1.92
C HIS A 32 4.57 -6.57 0.81
N ARG A 33 5.78 -7.00 0.45
CA ARG A 33 5.96 -7.99 -0.59
C ARG A 33 4.86 -9.05 -0.52
N THR A 34 4.45 -9.39 0.70
CA THR A 34 3.42 -10.39 0.91
C THR A 34 2.03 -9.83 0.59
N CYS A 35 1.78 -8.60 1.03
CA CYS A 35 0.50 -7.95 0.80
C CYS A 35 0.30 -7.66 -0.69
N TYR A 36 1.31 -7.06 -1.31
CA TYR A 36 1.23 -6.73 -2.73
C TYR A 36 0.82 -7.94 -3.55
N GLU A 37 1.37 -9.11 -3.21
CA GLU A 37 1.05 -10.34 -3.91
C GLU A 37 -0.42 -10.69 -3.77
N GLU A 38 -1.03 -10.23 -2.68
CA GLU A 38 -2.45 -10.49 -2.42
C GLU A 38 -3.32 -9.51 -3.19
N MET A 39 -3.21 -8.23 -2.84
CA MET A 39 -4.00 -7.19 -3.49
C MET A 39 -3.95 -7.34 -5.00
N LEU A 40 -2.76 -7.61 -5.53
CA LEU A 40 -2.59 -7.79 -6.98
C LEU A 40 -3.54 -8.84 -7.52
N LYS A 41 -3.68 -9.94 -6.79
CA LYS A 41 -4.57 -11.03 -7.20
C LYS A 41 -6.02 -10.58 -7.15
N GLU A 42 -6.47 -10.11 -5.99
CA GLU A 42 -7.85 -9.66 -5.82
C GLU A 42 -8.27 -8.79 -7.00
N GLY A 43 -7.65 -7.63 -7.14
CA GLY A 43 -7.97 -6.73 -8.23
C GLY A 43 -7.51 -5.31 -7.97
N TYR A 44 -7.82 -4.79 -6.79
CA TYR A 44 -7.42 -3.43 -6.43
C TYR A 44 -5.91 -3.27 -6.48
N ARG A 45 -5.47 -2.18 -7.08
CA ARG A 45 -4.05 -1.90 -7.20
C ARG A 45 -3.57 -0.98 -6.07
N CYS A 46 -4.46 -0.12 -5.61
CA CYS A 46 -4.15 0.81 -4.52
C CYS A 46 -5.41 1.42 -3.94
N PRO A 47 -5.74 1.04 -2.69
CA PRO A 47 -6.92 1.53 -1.99
C PRO A 47 -6.79 3.01 -1.61
N LEU A 48 -5.54 3.47 -1.49
CA LEU A 48 -5.28 4.86 -1.12
C LEU A 48 -5.54 5.79 -2.30
N CYS A 49 -5.13 5.37 -3.50
CA CYS A 49 -5.32 6.17 -4.69
C CYS A 49 -6.71 5.94 -5.28
N SER A 50 -7.72 5.96 -4.42
CA SER A 50 -9.10 5.75 -4.85
C SER A 50 -9.98 6.94 -4.45
N GLY A 51 -10.60 7.56 -5.45
CA GLY A 51 -11.46 8.69 -5.18
C GLY A 51 -12.92 8.41 -5.48
N PRO A 52 -13.47 9.10 -6.48
CA PRO A 52 -14.86 8.93 -6.89
C PRO A 52 -15.11 7.58 -7.57
N SER A 53 -14.03 6.82 -7.76
CA SER A 53 -14.14 5.51 -8.40
C SER A 53 -14.27 4.41 -7.35
N SER A 54 -15.49 4.22 -6.85
CA SER A 54 -15.75 3.21 -5.83
C SER A 54 -17.25 2.98 -5.67
N GLY A 55 -17.67 1.72 -5.79
CA GLY A 55 -19.08 1.39 -5.65
C GLY A 55 -19.79 1.30 -6.98
N GLY A 1 -8.90 8.36 10.34
CA GLY A 1 -7.63 8.61 9.69
C GLY A 1 -7.67 9.86 8.83
N SER A 2 -6.91 10.88 9.23
CA SER A 2 -6.86 12.14 8.49
C SER A 2 -5.43 12.50 8.13
N SER A 3 -5.09 12.38 6.85
CA SER A 3 -3.75 12.69 6.38
C SER A 3 -2.70 12.29 7.42
N GLY A 4 -2.88 11.11 8.01
CA GLY A 4 -1.95 10.64 9.02
C GLY A 4 -0.63 10.19 8.42
N SER A 5 0.26 9.67 9.26
CA SER A 5 1.56 9.21 8.81
C SER A 5 1.42 8.13 7.74
N SER A 6 2.16 8.28 6.65
CA SER A 6 2.11 7.32 5.55
C SER A 6 2.18 5.88 6.08
N GLY A 7 1.84 4.93 5.22
CA GLY A 7 1.86 3.53 5.62
C GLY A 7 1.14 2.64 4.63
N CYS A 8 1.38 1.34 4.73
CA CYS A 8 0.74 0.37 3.85
C CYS A 8 -0.76 0.29 4.11
N PRO A 9 -1.56 0.71 3.11
CA PRO A 9 -3.02 0.69 3.22
C PRO A 9 -3.59 -0.72 3.22
N ILE A 10 -2.79 -1.67 2.75
CA ILE A 10 -3.22 -3.07 2.70
C ILE A 10 -3.36 -3.65 4.10
N CYS A 11 -2.24 -3.71 4.83
CA CYS A 11 -2.23 -4.25 6.18
C CYS A 11 -2.46 -3.14 7.20
N LEU A 12 -2.17 -1.91 6.81
CA LEU A 12 -2.34 -0.75 7.69
C LEU A 12 -1.35 -0.80 8.85
N GLU A 13 -0.09 -1.09 8.53
CA GLU A 13 0.95 -1.17 9.54
C GLU A 13 2.13 -0.28 9.18
N ASP A 14 2.87 0.16 10.19
CA ASP A 14 4.03 1.01 9.98
C ASP A 14 5.07 0.31 9.11
N ILE A 15 5.33 0.87 7.92
CA ILE A 15 6.29 0.30 7.00
C ILE A 15 7.69 0.27 7.61
N HIS A 16 8.34 -0.88 7.51
CA HIS A 16 9.69 -1.05 8.05
C HIS A 16 10.62 -1.67 7.02
N THR A 17 11.20 -0.83 6.17
CA THR A 17 12.11 -1.31 5.14
C THR A 17 13.36 -1.93 5.75
N SER A 18 13.53 -1.75 7.04
CA SER A 18 14.68 -2.30 7.75
C SER A 18 14.44 -3.75 8.14
N ARG A 19 13.18 -4.12 8.30
CA ARG A 19 12.81 -5.48 8.67
C ARG A 19 12.21 -6.22 7.50
N VAL A 20 11.20 -5.62 6.87
CA VAL A 20 10.53 -6.23 5.73
C VAL A 20 10.61 -5.32 4.50
N VAL A 21 11.08 -5.87 3.39
CA VAL A 21 11.19 -5.12 2.15
C VAL A 21 10.05 -4.12 2.00
N ALA A 22 10.33 -3.00 1.34
CA ALA A 22 9.32 -1.97 1.13
C ALA A 22 9.04 -1.76 -0.36
N HIS A 23 7.90 -2.29 -0.82
CA HIS A 23 7.53 -2.16 -2.22
C HIS A 23 6.79 -0.85 -2.47
N VAL A 24 7.53 0.17 -2.88
CA VAL A 24 6.95 1.48 -3.16
C VAL A 24 6.25 1.50 -4.52
N LEU A 25 5.09 2.13 -4.57
CA LEU A 25 4.32 2.22 -5.81
C LEU A 25 4.69 3.48 -6.58
N PRO A 26 4.47 3.45 -7.90
CA PRO A 26 4.77 4.59 -8.79
C PRO A 26 3.82 5.76 -8.56
N CYS A 27 2.90 5.60 -7.61
CA CYS A 27 1.93 6.64 -7.30
C CYS A 27 2.39 7.46 -6.09
N GLY A 28 2.99 6.79 -5.12
CA GLY A 28 3.47 7.47 -3.93
C GLY A 28 3.00 6.81 -2.65
N HIS A 29 3.11 5.49 -2.61
CA HIS A 29 2.67 4.74 -1.43
C HIS A 29 3.60 3.54 -1.19
N LEU A 30 3.61 3.05 0.04
CA LEU A 30 4.45 1.91 0.40
C LEU A 30 3.62 0.65 0.58
N LEU A 31 4.18 -0.50 0.22
CA LEU A 31 3.49 -1.77 0.34
C LEU A 31 4.44 -2.86 0.83
N HIS A 32 3.89 -4.03 1.14
CA HIS A 32 4.68 -5.16 1.61
C HIS A 32 4.64 -6.31 0.62
N ARG A 33 5.80 -6.91 0.36
CA ARG A 33 5.89 -8.02 -0.58
C ARG A 33 4.63 -8.88 -0.53
N THR A 34 4.30 -9.36 0.67
CA THR A 34 3.13 -10.19 0.86
C THR A 34 1.86 -9.45 0.47
N CYS A 35 1.74 -8.21 0.92
CA CYS A 35 0.56 -7.39 0.62
C CYS A 35 0.38 -7.24 -0.89
N TYR A 36 1.41 -6.71 -1.55
CA TYR A 36 1.36 -6.52 -2.99
C TYR A 36 1.03 -7.81 -3.72
N GLU A 37 1.48 -8.93 -3.14
CA GLU A 37 1.24 -10.24 -3.74
C GLU A 37 -0.23 -10.63 -3.60
N GLU A 38 -0.86 -10.17 -2.52
CA GLU A 38 -2.26 -10.48 -2.27
C GLU A 38 -3.18 -9.58 -3.11
N MET A 39 -3.12 -8.28 -2.85
CA MET A 39 -3.93 -7.31 -3.58
C MET A 39 -3.89 -7.59 -5.08
N LEU A 40 -2.76 -8.11 -5.55
CA LEU A 40 -2.58 -8.42 -6.96
C LEU A 40 -3.58 -9.49 -7.41
N LYS A 41 -3.60 -10.61 -6.70
CA LYS A 41 -4.50 -11.70 -7.02
C LYS A 41 -5.95 -11.33 -6.68
N GLU A 42 -6.13 -10.63 -5.57
CA GLU A 42 -7.45 -10.21 -5.13
C GLU A 42 -8.21 -9.54 -6.28
N GLY A 43 -7.62 -8.47 -6.82
CA GLY A 43 -8.25 -7.75 -7.90
C GLY A 43 -8.55 -6.32 -7.55
N TYR A 44 -7.59 -5.65 -6.91
CA TYR A 44 -7.76 -4.26 -6.51
C TYR A 44 -6.41 -3.56 -6.40
N ARG A 45 -6.30 -2.40 -7.05
CA ARG A 45 -5.07 -1.63 -7.04
C ARG A 45 -5.04 -0.67 -5.85
N CYS A 46 -3.98 0.12 -5.76
CA CYS A 46 -3.83 1.09 -4.67
C CYS A 46 -5.19 1.66 -4.27
N PRO A 47 -5.75 1.14 -3.16
CA PRO A 47 -7.04 1.58 -2.65
C PRO A 47 -6.99 2.99 -2.07
N LEU A 48 -5.80 3.58 -2.08
CA LEU A 48 -5.61 4.93 -1.56
C LEU A 48 -5.75 5.96 -2.67
N CYS A 49 -5.18 5.66 -3.83
CA CYS A 49 -5.22 6.57 -4.98
C CYS A 49 -6.53 6.39 -5.75
N SER A 50 -7.64 6.33 -5.01
CA SER A 50 -8.96 6.16 -5.61
C SER A 50 -9.51 7.50 -6.08
N GLY A 51 -9.35 7.79 -7.37
CA GLY A 51 -9.85 9.04 -7.91
C GLY A 51 -11.29 8.94 -8.38
N PRO A 52 -11.94 10.10 -8.55
CA PRO A 52 -13.34 10.17 -8.99
C PRO A 52 -13.51 9.75 -10.44
N SER A 53 -12.41 9.33 -11.06
CA SER A 53 -12.43 8.90 -12.46
C SER A 53 -13.78 8.28 -12.82
N SER A 54 -14.52 8.94 -13.70
CA SER A 54 -15.82 8.46 -14.12
C SER A 54 -15.71 7.07 -14.73
N GLY A 55 -14.69 6.87 -15.57
CA GLY A 55 -14.49 5.58 -16.21
C GLY A 55 -14.14 5.72 -17.67
N GLY A 1 -12.98 13.18 13.94
CA GLY A 1 -12.48 12.43 12.80
C GLY A 1 -10.97 12.39 12.75
N SER A 2 -10.36 11.89 13.82
CA SER A 2 -8.91 11.81 13.90
C SER A 2 -8.41 10.50 13.31
N SER A 3 -8.26 10.47 11.98
CA SER A 3 -7.80 9.28 11.29
C SER A 3 -6.28 9.22 11.26
N GLY A 4 -5.73 8.02 11.44
CA GLY A 4 -4.28 7.86 11.43
C GLY A 4 -3.82 6.99 10.28
N SER A 5 -4.12 7.39 9.06
CA SER A 5 -3.72 6.65 7.87
C SER A 5 -2.33 7.05 7.40
N SER A 6 -1.32 6.32 7.86
CA SER A 6 0.05 6.61 7.49
C SER A 6 0.80 5.32 7.10
N GLY A 7 0.54 4.26 7.83
CA GLY A 7 1.19 2.98 7.55
C GLY A 7 0.51 2.23 6.43
N CYS A 8 1.01 1.04 6.13
CA CYS A 8 0.45 0.21 5.07
C CYS A 8 -1.08 0.21 5.12
N PRO A 9 -1.71 0.72 4.06
CA PRO A 9 -3.17 0.78 3.97
C PRO A 9 -3.81 -0.59 3.82
N ILE A 10 -2.98 -1.63 3.86
CA ILE A 10 -3.46 -3.00 3.74
C ILE A 10 -3.55 -3.68 5.10
N CYS A 11 -2.40 -3.80 5.77
CA CYS A 11 -2.36 -4.44 7.08
C CYS A 11 -2.42 -3.39 8.19
N LEU A 12 -2.00 -2.16 7.87
CA LEU A 12 -2.01 -1.07 8.83
C LEU A 12 -1.01 -1.33 9.94
N GLU A 13 0.22 -1.69 9.57
CA GLU A 13 1.27 -1.96 10.54
C GLU A 13 2.54 -1.21 10.19
N ASP A 14 3.03 -0.43 11.16
CA ASP A 14 4.24 0.36 10.95
C ASP A 14 5.24 -0.39 10.08
N ILE A 15 5.44 0.11 8.86
CA ILE A 15 6.37 -0.51 7.93
C ILE A 15 7.81 -0.35 8.38
N HIS A 16 8.57 -1.44 8.32
CA HIS A 16 9.97 -1.43 8.74
C HIS A 16 10.88 -1.90 7.60
N THR A 17 11.13 -1.02 6.65
CA THR A 17 11.98 -1.36 5.51
C THR A 17 13.16 -2.23 5.93
N SER A 18 13.88 -1.78 6.96
CA SER A 18 15.03 -2.53 7.46
C SER A 18 14.67 -3.99 7.69
N ARG A 19 13.64 -4.23 8.49
CA ARG A 19 13.20 -5.58 8.78
C ARG A 19 12.52 -6.21 7.58
N VAL A 20 11.39 -5.64 7.17
CA VAL A 20 10.64 -6.13 6.03
C VAL A 20 10.70 -5.16 4.86
N VAL A 21 11.02 -5.68 3.68
CA VAL A 21 11.11 -4.87 2.48
C VAL A 21 9.87 -3.99 2.31
N ALA A 22 10.00 -2.94 1.52
CA ALA A 22 8.89 -2.02 1.27
C ALA A 22 8.78 -1.68 -0.22
N HIS A 23 7.75 -2.21 -0.86
CA HIS A 23 7.54 -1.95 -2.29
C HIS A 23 6.97 -0.55 -2.51
N VAL A 24 7.38 0.07 -3.61
CA VAL A 24 6.93 1.42 -3.94
C VAL A 24 6.08 1.41 -5.20
N LEU A 25 4.87 1.95 -5.10
CA LEU A 25 3.95 2.02 -6.24
C LEU A 25 4.24 3.24 -7.10
N PRO A 26 3.86 3.16 -8.38
CA PRO A 26 4.08 4.24 -9.34
C PRO A 26 3.19 5.44 -9.06
N CYS A 27 2.40 5.35 -7.99
CA CYS A 27 1.49 6.43 -7.61
C CYS A 27 2.11 7.28 -6.51
N GLY A 28 2.98 6.67 -5.70
CA GLY A 28 3.62 7.40 -4.62
C GLY A 28 3.22 6.86 -3.26
N HIS A 29 3.26 5.55 -3.11
CA HIS A 29 2.90 4.91 -1.84
C HIS A 29 3.81 3.70 -1.56
N LEU A 30 3.75 3.22 -0.33
CA LEU A 30 4.56 2.07 0.07
C LEU A 30 3.68 0.89 0.46
N LEU A 31 4.06 -0.30 0.02
CA LEU A 31 3.30 -1.51 0.34
C LEU A 31 4.24 -2.68 0.61
N HIS A 32 3.80 -3.60 1.46
CA HIS A 32 4.58 -4.78 1.80
C HIS A 32 4.61 -5.78 0.65
N ARG A 33 5.74 -6.46 0.48
CA ARG A 33 5.90 -7.44 -0.59
C ARG A 33 4.73 -8.42 -0.59
N THR A 34 4.30 -8.83 0.61
CA THR A 34 3.19 -9.76 0.75
C THR A 34 1.87 -9.10 0.44
N CYS A 35 1.58 -8.00 1.14
CA CYS A 35 0.35 -7.26 0.95
C CYS A 35 0.13 -6.94 -0.54
N TYR A 36 1.21 -6.58 -1.22
CA TYR A 36 1.14 -6.25 -2.64
C TYR A 36 0.92 -7.50 -3.48
N GLU A 37 1.39 -8.63 -2.97
CA GLU A 37 1.25 -9.90 -3.68
C GLU A 37 -0.17 -10.45 -3.55
N GLU A 38 -0.85 -10.06 -2.46
CA GLU A 38 -2.21 -10.51 -2.22
C GLU A 38 -3.22 -9.66 -2.99
N MET A 39 -3.12 -8.34 -2.81
CA MET A 39 -4.02 -7.42 -3.49
C MET A 39 -3.98 -7.63 -5.00
N LEU A 40 -2.80 -7.90 -5.53
CA LEU A 40 -2.62 -8.13 -6.96
C LEU A 40 -3.52 -9.27 -7.44
N LYS A 41 -3.49 -10.38 -6.70
CA LYS A 41 -4.30 -11.54 -7.04
C LYS A 41 -5.79 -11.24 -6.91
N GLU A 42 -6.16 -10.62 -5.78
CA GLU A 42 -7.56 -10.28 -5.53
C GLU A 42 -8.17 -9.58 -6.73
N GLY A 43 -7.58 -8.46 -7.13
CA GLY A 43 -8.07 -7.71 -8.27
C GLY A 43 -8.43 -6.28 -7.91
N TYR A 44 -7.51 -5.60 -7.23
CA TYR A 44 -7.73 -4.22 -6.82
C TYR A 44 -6.40 -3.48 -6.64
N ARG A 45 -6.24 -2.38 -7.37
CA ARG A 45 -5.02 -1.59 -7.29
C ARG A 45 -4.97 -0.80 -5.99
N CYS A 46 -3.93 0.01 -5.84
CA CYS A 46 -3.75 0.82 -4.63
C CYS A 46 -5.09 1.40 -4.17
N PRO A 47 -5.51 1.00 -2.96
CA PRO A 47 -6.76 1.47 -2.38
C PRO A 47 -6.72 2.94 -1.99
N LEU A 48 -5.52 3.44 -1.71
CA LEU A 48 -5.33 4.84 -1.33
C LEU A 48 -5.60 5.76 -2.52
N CYS A 49 -5.13 5.36 -3.69
CA CYS A 49 -5.32 6.15 -4.90
C CYS A 49 -6.57 5.71 -5.66
N SER A 50 -7.64 5.46 -4.91
CA SER A 50 -8.90 5.01 -5.50
C SER A 50 -9.16 5.74 -6.83
N GLY A 51 -9.01 5.01 -7.92
CA GLY A 51 -9.23 5.60 -9.23
C GLY A 51 -8.45 4.90 -10.32
N PRO A 52 -9.15 4.43 -11.36
CA PRO A 52 -8.53 3.73 -12.49
C PRO A 52 -7.70 4.66 -13.36
N SER A 53 -7.00 4.09 -14.33
CA SER A 53 -6.15 4.87 -15.22
C SER A 53 -7.00 5.60 -16.27
N SER A 54 -7.47 6.78 -15.92
CA SER A 54 -8.30 7.57 -16.82
C SER A 54 -7.59 7.79 -18.16
N GLY A 55 -8.38 7.98 -19.21
CA GLY A 55 -7.81 8.19 -20.52
C GLY A 55 -6.68 7.23 -20.83
N GLY A 1 -11.39 14.45 12.13
CA GLY A 1 -11.09 13.59 11.01
C GLY A 1 -11.09 12.13 11.38
N SER A 2 -11.87 11.34 10.64
CA SER A 2 -11.96 9.90 10.91
C SER A 2 -11.16 9.11 9.89
N SER A 3 -11.43 9.35 8.60
CA SER A 3 -10.74 8.66 7.53
C SER A 3 -9.24 8.97 7.56
N GLY A 4 -8.44 7.97 7.90
CA GLY A 4 -7.00 8.16 7.96
C GLY A 4 -6.25 6.85 8.07
N SER A 5 -5.81 6.33 6.94
CA SER A 5 -5.07 5.07 6.91
C SER A 5 -3.57 5.32 6.80
N SER A 6 -2.85 5.08 7.89
CA SER A 6 -1.41 5.29 7.92
C SER A 6 -0.68 3.97 7.67
N GLY A 7 0.58 4.08 7.22
CA GLY A 7 1.37 2.90 6.96
C GLY A 7 0.81 2.07 5.81
N CYS A 8 0.81 0.75 5.98
CA CYS A 8 0.29 -0.15 4.96
C CYS A 8 -1.23 -0.17 4.97
N PRO A 9 -1.84 0.26 3.86
CA PRO A 9 -3.30 0.29 3.71
C PRO A 9 -3.91 -1.10 3.62
N ILE A 10 -3.07 -2.12 3.75
CA ILE A 10 -3.52 -3.50 3.68
C ILE A 10 -3.60 -4.13 5.07
N CYS A 11 -2.45 -4.20 5.74
CA CYS A 11 -2.39 -4.77 7.08
C CYS A 11 -2.49 -3.68 8.15
N LEU A 12 -2.07 -2.47 7.79
CA LEU A 12 -2.10 -1.34 8.70
C LEU A 12 -1.06 -1.50 9.80
N GLU A 13 0.18 -1.75 9.40
CA GLU A 13 1.27 -1.93 10.35
C GLU A 13 2.51 -1.15 9.92
N ASP A 14 3.07 -0.38 10.85
CA ASP A 14 4.26 0.43 10.55
C ASP A 14 5.19 -0.31 9.59
N ILE A 15 5.59 0.37 8.53
CA ILE A 15 6.47 -0.22 7.53
C ILE A 15 7.91 0.28 7.71
N HIS A 16 8.84 -0.66 7.86
CA HIS A 16 10.25 -0.32 8.03
C HIS A 16 11.07 -0.80 6.84
N THR A 17 11.74 0.14 6.18
CA THR A 17 12.57 -0.19 5.02
C THR A 17 13.95 -0.66 5.45
N SER A 18 13.99 -1.40 6.55
CA SER A 18 15.26 -1.92 7.08
C SER A 18 15.14 -3.41 7.42
N ARG A 19 14.07 -3.77 8.11
CA ARG A 19 13.83 -5.16 8.50
C ARG A 19 13.21 -5.94 7.35
N VAL A 20 12.15 -5.40 6.78
CA VAL A 20 11.45 -6.05 5.67
C VAL A 20 11.44 -5.16 4.43
N VAL A 21 11.10 -5.75 3.29
CA VAL A 21 11.05 -5.01 2.03
C VAL A 21 9.78 -4.18 1.93
N ALA A 22 9.84 -3.12 1.14
CA ALA A 22 8.70 -2.23 0.95
C ALA A 22 8.45 -1.95 -0.53
N HIS A 23 7.42 -2.56 -1.08
CA HIS A 23 7.08 -2.39 -2.49
C HIS A 23 6.33 -1.06 -2.70
N VAL A 24 7.08 0.03 -2.72
CA VAL A 24 6.48 1.36 -2.92
C VAL A 24 5.87 1.48 -4.31
N LEU A 25 4.57 1.71 -4.35
CA LEU A 25 3.86 1.85 -5.62
C LEU A 25 4.29 3.12 -6.34
N PRO A 26 4.13 3.13 -7.67
CA PRO A 26 4.49 4.28 -8.51
C PRO A 26 3.56 5.47 -8.29
N CYS A 27 2.63 5.32 -7.35
CA CYS A 27 1.68 6.38 -7.05
C CYS A 27 2.15 7.22 -5.87
N GLY A 28 2.70 6.54 -4.85
CA GLY A 28 3.19 7.23 -3.68
C GLY A 28 2.74 6.58 -2.40
N HIS A 29 2.75 5.25 -2.36
CA HIS A 29 2.34 4.50 -1.18
C HIS A 29 3.28 3.34 -0.92
N LEU A 30 3.42 2.96 0.35
CA LEU A 30 4.29 1.85 0.72
C LEU A 30 3.48 0.60 1.04
N LEU A 31 3.98 -0.55 0.59
CA LEU A 31 3.30 -1.82 0.82
C LEU A 31 4.30 -2.92 1.15
N HIS A 32 3.80 -4.07 1.59
CA HIS A 32 4.65 -5.20 1.94
C HIS A 32 4.65 -6.24 0.82
N ARG A 33 5.64 -7.13 0.85
CA ARG A 33 5.76 -8.18 -0.17
C ARG A 33 4.57 -9.15 -0.08
N THR A 34 4.20 -9.50 1.14
CA THR A 34 3.09 -10.42 1.36
C THR A 34 1.75 -9.74 1.08
N CYS A 35 1.69 -8.43 1.32
CA CYS A 35 0.47 -7.67 1.10
C CYS A 35 0.26 -7.40 -0.38
N TYR A 36 1.36 -7.11 -1.08
CA TYR A 36 1.30 -6.82 -2.51
C TYR A 36 0.88 -8.07 -3.29
N GLU A 37 1.13 -9.23 -2.72
CA GLU A 37 0.77 -10.49 -3.36
C GLU A 37 -0.73 -10.75 -3.29
N GLU A 38 -1.36 -10.23 -2.24
CA GLU A 38 -2.80 -10.39 -2.06
C GLU A 38 -3.57 -9.50 -3.03
N MET A 39 -3.47 -8.19 -2.84
CA MET A 39 -4.16 -7.23 -3.69
C MET A 39 -4.08 -7.65 -5.15
N LEU A 40 -2.90 -8.10 -5.57
CA LEU A 40 -2.69 -8.53 -6.95
C LEU A 40 -3.80 -9.49 -7.39
N LYS A 41 -4.14 -10.44 -6.52
CA LYS A 41 -5.18 -11.41 -6.81
C LYS A 41 -6.53 -10.72 -7.03
N GLU A 42 -7.06 -10.13 -5.96
CA GLU A 42 -8.33 -9.45 -6.02
C GLU A 42 -8.49 -8.70 -7.36
N GLY A 43 -7.78 -7.60 -7.49
CA GLY A 43 -7.85 -6.82 -8.71
C GLY A 43 -7.85 -5.32 -8.45
N TYR A 44 -6.75 -4.82 -7.89
CA TYR A 44 -6.63 -3.40 -7.59
C TYR A 44 -5.17 -3.02 -7.34
N ARG A 45 -4.68 -2.08 -8.14
CA ARG A 45 -3.29 -1.62 -8.01
C ARG A 45 -3.09 -0.91 -6.68
N CYS A 46 -4.05 -0.08 -6.29
CA CYS A 46 -3.98 0.66 -5.04
C CYS A 46 -5.35 1.11 -4.59
N PRO A 47 -5.73 0.72 -3.35
CA PRO A 47 -7.03 1.06 -2.77
C PRO A 47 -7.13 2.55 -2.44
N LEU A 48 -5.99 3.17 -2.15
CA LEU A 48 -5.95 4.59 -1.82
C LEU A 48 -6.18 5.45 -3.06
N CYS A 49 -5.29 5.31 -4.03
CA CYS A 49 -5.40 6.08 -5.28
C CYS A 49 -6.54 5.56 -6.14
N SER A 50 -7.75 6.07 -5.89
CA SER A 50 -8.92 5.66 -6.65
C SER A 50 -9.22 6.63 -7.79
N GLY A 51 -9.43 6.09 -8.98
CA GLY A 51 -9.73 6.94 -10.12
C GLY A 51 -8.94 6.53 -11.35
N PRO A 52 -9.65 6.19 -12.43
CA PRO A 52 -9.02 5.79 -13.70
C PRO A 52 -8.32 6.94 -14.40
N SER A 53 -8.62 8.16 -13.96
CA SER A 53 -8.02 9.35 -14.55
C SER A 53 -6.49 9.25 -14.55
N SER A 54 -5.95 8.61 -15.58
CA SER A 54 -4.50 8.44 -15.70
C SER A 54 -4.01 8.86 -17.08
N GLY A 55 -2.75 9.27 -17.14
CA GLY A 55 -2.18 9.69 -18.41
C GLY A 55 -0.93 10.52 -18.23
#